data_4YCL
#
_entry.id   4YCL
#
_cell.length_a   63.039
_cell.length_b   96.029
_cell.length_c   155.418
_cell.angle_alpha   90.00
_cell.angle_beta   95.09
_cell.angle_gamma   90.00
#
_symmetry.space_group_name_H-M   'P 1 21 1'
#
loop_
_entity.id
_entity.type
_entity.pdbx_description
1 polymer 'Sarcoplasmic/endoplasmic reticulum calcium ATPase 1'
2 non-polymer 'POTASSIUM ION'
3 non-polymer 'MAGNESIUM ION'
4 non-polymer "(6AR,11AS,11BR)-10-ACETYL-9-HYDROXY-7,7-DIMETHYL-2,6,6A,7,11A,11B-HEXAHYDRO-11H-PYRROLO[1',2':2,3]ISOINDOLO[4,5,6-CD]INDOL-11-ONE"
5 water water
#
_entity_poly.entity_id   1
_entity_poly.type   'polypeptide(L)'
_entity_poly.pdbx_seq_one_letter_code
;(ACE)MEAAHSKSTEECLAYFGVSETTGLTPDQVKRHLEKYGHNELPAEEGKSLWELVIEQFEDLLVRILLLAACISFVL
AWFEEGEETITAFVEPFVILLILIANAIVGVWQERNAENAIEALKEYEPEMGKVYRADRKSVQRIKARDIVPGDIVEVAV
GDKVPADIRILSIKSTTLRVDQSILTGESVSVIKHTEPVPDPRAVNQDKKNMLFSGTNIAAGKALGIVATTGVSTEIGKI
RDQMAATEQDKTPLQQKLDEFGEQLSKVISLICVAVWLINIGHFNDPVHGGSWIRGAIYYFKIAVALAVAAIPEGLPAVI
TTCLALGTRRMAKKNAIVRSLPSVETLGCTSVICSDKTGTLTTNQMSVCKMFIIDKVDGDFCSLNEFSITGSTYAPEGEV
LKNDKPIRSGQFDGLVELATICALCNDSSLDFNETKGVYEKVGEATETALTTLVEKMNVFNTEVRNLSKVERANACNSVI
RQLMKKEFTLEFSRDRKSMSVYCSPAKSSRAAVGNKMFVKGAPEGVIDRCNYVRVGTTRVPMTGPVKEKILSVIKEWGTG
RDTLRCLALATRDTPPKREEMVLDDSSRFMEYETDLTFVGVVGMLDPPRKEVMGSIQLCRDAGIRVIMITGDNKGTAIAI
CRRIGIFGENEEVADRAYTGREFDDLPLAEQREACRRACCFARVEPSHKSKIVEYLQSYDEITAMTGDGVNDAPALKKAE
IGIAMGSGTAVAKTASEMVLADDNFSTIVAAVEEGRAIYNNMKQFIRYLISSNVGEVVCIFLTAALGLPEALIPVQLLWV
NLVTDGLPATALGFNPPDLDIMDRPPRSPKEPLISGWLFFRYMAIGGYVGAATVGAAAWWFMYAEDGPGVTYHQLTHFMQ
CTEDHPHFEGLDCEIFEAPEPMTMALSVLVTIEMCNALNSLSENQSLMRMPPWVNIWLLGSICLSMSLHFLILYVDPLPM
IFKLKALDLTQWLMVLKISLPVIGLDEILKFIARNYLEG
;
_entity_poly.pdbx_strand_id   A
#
# COMPACT_ATOMS: atom_id res chain seq x y z
N MET A 2 -25.05 4.36 -25.58
CA MET A 2 -24.66 2.96 -26.06
C MET A 2 -23.57 2.22 -25.26
N GLU A 3 -23.96 1.40 -24.28
CA GLU A 3 -23.00 0.63 -23.50
C GLU A 3 -22.46 -0.59 -24.24
N ALA A 4 -23.21 -1.09 -25.24
CA ALA A 4 -22.79 -2.28 -25.97
C ALA A 4 -22.47 -2.00 -27.44
N ALA A 5 -21.76 -0.91 -27.66
CA ALA A 5 -21.45 -0.46 -29.01
C ALA A 5 -20.52 -1.46 -29.68
N HIS A 6 -19.69 -2.12 -28.89
CA HIS A 6 -18.75 -3.11 -29.42
C HIS A 6 -19.49 -4.29 -30.02
N SER A 7 -20.61 -4.65 -29.43
CA SER A 7 -21.39 -5.81 -29.87
C SER A 7 -22.23 -5.51 -31.10
N LYS A 8 -22.46 -4.22 -31.34
CA LYS A 8 -23.25 -3.79 -32.48
C LYS A 8 -22.33 -3.46 -33.66
N SER A 9 -22.90 -3.49 -34.87
CA SER A 9 -22.14 -3.15 -36.06
C SER A 9 -22.04 -1.63 -36.21
N THR A 10 -21.23 -1.17 -37.16
CA THR A 10 -21.06 0.26 -37.39
C THR A 10 -22.34 0.89 -37.91
N GLU A 11 -23.09 0.12 -38.68
CA GLU A 11 -24.36 0.59 -39.23
C GLU A 11 -25.40 0.78 -38.13
N GLU A 12 -25.42 -0.15 -37.18
CA GLU A 12 -26.38 -0.12 -36.09
C GLU A 12 -26.10 1.01 -35.11
N CYS A 13 -24.82 1.32 -34.91
CA CYS A 13 -24.43 2.37 -33.99
C CYS A 13 -24.75 3.76 -34.54
N LEU A 14 -24.72 3.89 -35.86
CA LEU A 14 -25.09 5.14 -36.51
C LEU A 14 -26.60 5.30 -36.52
N ALA A 15 -27.29 4.18 -36.72
CA ALA A 15 -28.76 4.18 -36.74
C ALA A 15 -29.33 4.46 -35.35
N TYR A 16 -28.60 4.06 -34.32
CA TYR A 16 -29.03 4.29 -32.94
C TYR A 16 -29.14 5.78 -32.64
N PHE A 17 -28.03 6.50 -32.86
CA PHE A 17 -27.98 7.92 -32.58
C PHE A 17 -28.60 8.74 -33.71
N GLY A 18 -28.91 8.08 -34.82
CA GLY A 18 -29.50 8.73 -35.97
C GLY A 18 -28.58 9.81 -36.51
N VAL A 19 -27.40 9.38 -36.96
CA VAL A 19 -26.38 10.32 -37.42
C VAL A 19 -25.67 9.80 -38.67
N SER A 20 -25.51 10.66 -39.67
CA SER A 20 -24.79 10.31 -40.88
C SER A 20 -23.28 10.35 -40.64
N GLU A 21 -22.58 9.34 -41.11
CA GLU A 21 -21.14 9.22 -40.92
C GLU A 21 -20.40 10.35 -41.62
N THR A 22 -21.01 10.91 -42.66
CA THR A 22 -20.40 11.97 -43.44
C THR A 22 -20.66 13.36 -42.84
N THR A 23 -21.92 13.65 -42.55
CA THR A 23 -22.30 14.95 -42.02
C THR A 23 -21.98 15.09 -40.54
N GLY A 24 -22.66 14.30 -39.72
CA GLY A 24 -22.44 14.32 -38.28
C GLY A 24 -23.67 14.77 -37.53
N LEU A 25 -23.48 15.26 -36.30
CA LEU A 25 -24.59 15.72 -35.48
C LEU A 25 -24.92 17.18 -35.76
N THR A 26 -26.18 17.42 -36.13
CA THR A 26 -26.69 18.78 -36.28
C THR A 26 -26.74 19.46 -34.91
N PRO A 27 -26.50 20.77 -34.86
CA PRO A 27 -26.53 21.54 -33.60
C PRO A 27 -27.82 21.36 -32.81
N ASP A 28 -28.89 20.93 -33.47
CA ASP A 28 -30.13 20.60 -32.79
C ASP A 28 -29.96 19.31 -31.98
N GLN A 29 -29.29 18.34 -32.58
CA GLN A 29 -29.01 17.06 -31.91
C GLN A 29 -28.03 17.25 -30.76
N VAL A 30 -27.09 18.17 -30.94
CA VAL A 30 -26.06 18.43 -29.94
C VAL A 30 -26.67 18.98 -28.66
N LYS A 31 -27.60 19.91 -28.79
CA LYS A 31 -28.31 20.48 -27.65
C LYS A 31 -29.09 19.40 -26.90
N ARG A 32 -29.77 18.55 -27.66
CA ARG A 32 -30.58 17.47 -27.08
C ARG A 32 -29.72 16.45 -26.34
N HIS A 33 -28.64 16.01 -26.97
CA HIS A 33 -27.77 14.99 -26.39
C HIS A 33 -27.01 15.52 -25.18
N LEU A 34 -26.54 16.76 -25.26
CA LEU A 34 -25.77 17.37 -24.17
C LEU A 34 -26.64 17.57 -22.94
N GLU A 35 -27.91 17.87 -23.17
CA GLU A 35 -28.86 18.09 -22.09
C GLU A 35 -29.30 16.76 -21.47
N LYS A 36 -29.15 15.69 -22.23
CA LYS A 36 -29.59 14.36 -21.79
C LYS A 36 -28.47 13.59 -21.11
N TYR A 37 -27.38 13.37 -21.83
CA TYR A 37 -26.26 12.57 -21.32
C TYR A 37 -25.34 13.39 -20.42
N GLY A 38 -25.37 14.70 -20.57
CA GLY A 38 -24.51 15.57 -19.79
C GLY A 38 -23.19 15.83 -20.49
N HIS A 39 -22.35 16.66 -19.88
CA HIS A 39 -21.05 16.99 -20.44
C HIS A 39 -20.06 15.83 -20.29
N ASN A 40 -19.17 15.69 -21.26
CA ASN A 40 -18.15 14.65 -21.23
C ASN A 40 -17.03 15.00 -20.26
N GLU A 41 -17.34 14.95 -18.97
CA GLU A 41 -16.35 15.29 -17.95
C GLU A 41 -16.61 14.56 -16.63
N LEU A 42 -15.59 14.52 -15.78
CA LEU A 42 -15.70 13.89 -14.47
C LEU A 42 -16.02 14.96 -13.42
N PRO A 43 -16.86 14.60 -12.43
CA PRO A 43 -17.24 15.50 -11.34
C PRO A 43 -16.04 16.04 -10.57
N ALA A 44 -16.14 17.29 -10.11
CA ALA A 44 -15.05 17.93 -9.40
C ALA A 44 -15.05 17.57 -7.91
N GLU A 45 -13.94 17.83 -7.23
CA GLU A 45 -13.82 17.53 -5.81
C GLU A 45 -13.96 18.81 -4.99
N GLU A 46 -14.71 18.71 -3.90
CA GLU A 46 -15.01 19.87 -3.07
C GLU A 46 -14.61 19.66 -1.61
N GLY A 47 -13.39 20.08 -1.26
CA GLY A 47 -12.89 19.94 0.09
C GLY A 47 -11.41 20.26 0.16
N LYS A 48 -10.99 21.27 -0.59
CA LYS A 48 -9.59 21.64 -0.68
C LYS A 48 -9.11 22.41 0.54
N SER A 49 -7.97 23.08 0.40
CA SER A 49 -7.36 23.80 1.51
C SER A 49 -8.12 25.07 1.85
N LEU A 50 -9.36 24.91 2.30
CA LEU A 50 -10.19 26.03 2.71
C LEU A 50 -10.07 26.24 4.22
N TRP A 51 -10.56 27.38 4.71
CA TRP A 51 -10.56 27.71 6.13
C TRP A 51 -11.07 26.59 7.04
N GLU A 52 -11.79 25.63 6.45
CA GLU A 52 -12.27 24.44 7.14
C GLU A 52 -11.14 23.63 7.78
N LEU A 53 -9.94 23.72 7.20
CA LEU A 53 -8.75 22.94 7.60
C LEU A 53 -8.65 22.60 9.08
N VAL A 54 -8.21 23.56 9.89
CA VAL A 54 -7.91 23.33 11.30
C VAL A 54 -9.17 23.14 12.14
N ILE A 55 -10.26 23.80 11.75
CA ILE A 55 -11.50 23.81 12.53
C ILE A 55 -11.98 22.43 12.97
N GLU A 56 -11.94 21.47 12.06
CA GLU A 56 -12.43 20.12 12.35
C GLU A 56 -11.61 19.40 13.42
N GLN A 57 -10.40 19.89 13.67
CA GLN A 57 -9.59 19.36 14.75
C GLN A 57 -10.23 19.67 16.10
N PHE A 58 -10.92 20.82 16.16
CA PHE A 58 -11.57 21.25 17.39
C PHE A 58 -13.04 20.85 17.43
N GLU A 59 -13.34 19.64 16.97
CA GLU A 59 -14.72 19.15 16.96
C GLU A 59 -14.93 18.00 17.94
N ASP A 60 -13.88 17.23 18.21
CA ASP A 60 -13.99 16.13 19.16
C ASP A 60 -13.82 16.63 20.59
N LEU A 61 -14.35 15.87 21.54
CA LEU A 61 -14.47 16.32 22.92
C LEU A 61 -13.13 16.49 23.65
N LEU A 62 -12.15 15.67 23.30
CA LEU A 62 -10.88 15.64 24.03
C LEU A 62 -10.01 16.86 23.75
N VAL A 63 -10.42 17.70 22.82
CA VAL A 63 -9.65 18.91 22.51
C VAL A 63 -10.44 20.17 22.85
N ARG A 64 -11.75 20.03 22.95
CA ARG A 64 -12.61 21.17 23.27
C ARG A 64 -12.59 21.42 24.77
N ILE A 65 -12.10 20.42 25.52
CA ILE A 65 -11.94 20.57 26.96
C ILE A 65 -10.79 21.51 27.27
N LEU A 66 -9.66 21.33 26.58
CA LEU A 66 -8.52 22.22 26.75
C LEU A 66 -8.83 23.61 26.23
N LEU A 67 -9.70 23.68 25.22
CA LEU A 67 -10.16 24.95 24.70
C LEU A 67 -11.10 25.62 25.71
N LEU A 68 -11.79 24.79 26.48
CA LEU A 68 -12.64 25.27 27.56
C LEU A 68 -11.82 25.57 28.80
N ALA A 69 -10.84 24.72 29.08
CA ALA A 69 -9.95 24.92 30.21
C ALA A 69 -9.08 26.16 30.02
N ALA A 70 -8.85 26.52 28.76
CA ALA A 70 -8.10 27.74 28.45
C ALA A 70 -8.94 28.97 28.78
N CYS A 71 -10.25 28.86 28.57
CA CYS A 71 -11.17 29.93 28.90
C CYS A 71 -11.23 30.16 30.40
N ILE A 72 -11.29 29.06 31.15
CA ILE A 72 -11.29 29.12 32.61
C ILE A 72 -9.96 29.67 33.12
N SER A 73 -8.87 29.20 32.50
CA SER A 73 -7.53 29.67 32.86
C SER A 73 -7.36 31.15 32.56
N PHE A 74 -8.04 31.63 31.51
CA PHE A 74 -7.96 33.02 31.11
C PHE A 74 -8.67 33.91 32.12
N VAL A 75 -9.72 33.37 32.73
CA VAL A 75 -10.45 34.08 33.78
C VAL A 75 -9.57 34.22 35.03
N LEU A 76 -8.83 33.15 35.33
CA LEU A 76 -8.00 33.11 36.53
C LEU A 76 -6.66 33.82 36.32
N ALA A 77 -6.30 34.05 35.06
CA ALA A 77 -5.05 34.72 34.74
C ALA A 77 -5.17 36.23 34.95
N TRP A 78 -6.40 36.73 34.94
CA TRP A 78 -6.66 38.14 35.12
C TRP A 78 -7.04 38.47 36.56
N PHE A 79 -7.82 37.58 37.17
CA PHE A 79 -8.28 37.77 38.54
C PHE A 79 -7.24 37.33 39.56
N GLU A 80 -6.29 38.20 39.86
CA GLU A 80 -5.27 37.93 40.86
C GLU A 80 -4.67 39.22 41.40
N GLU A 81 -4.25 39.20 42.66
CA GLU A 81 -3.70 40.38 43.31
C GLU A 81 -2.17 40.45 43.19
N GLY A 82 -1.64 39.87 42.12
CA GLY A 82 -0.21 39.90 41.88
C GLY A 82 0.16 40.95 40.85
N GLU A 83 1.16 41.77 41.16
CA GLU A 83 1.59 42.83 40.26
C GLU A 83 2.56 42.31 39.20
N GLU A 84 2.64 40.99 39.09
CA GLU A 84 3.50 40.35 38.09
C GLU A 84 3.06 40.70 36.69
N THR A 85 4.02 40.89 35.78
CA THR A 85 3.73 41.39 34.45
C THR A 85 3.60 40.29 33.39
N ILE A 86 4.74 39.86 32.85
CA ILE A 86 4.75 38.94 31.70
C ILE A 86 4.28 37.53 32.07
N THR A 87 4.46 37.15 33.34
CA THR A 87 4.11 35.79 33.77
C THR A 87 2.65 35.66 34.15
N ALA A 88 1.84 36.65 33.76
CA ALA A 88 0.40 36.60 34.01
C ALA A 88 -0.30 35.69 33.02
N PHE A 89 -0.30 36.09 31.76
CA PHE A 89 -0.93 35.30 30.70
C PHE A 89 0.02 34.23 30.18
N VAL A 90 0.22 33.18 30.96
CA VAL A 90 1.07 32.06 30.56
C VAL A 90 0.27 30.76 30.53
N GLU A 91 -0.45 30.50 31.62
CA GLU A 91 -1.29 29.31 31.70
C GLU A 91 -2.35 29.24 30.59
N PRO A 92 -3.02 30.38 30.28
CA PRO A 92 -3.93 30.27 29.14
C PRO A 92 -3.22 30.40 27.79
N PHE A 93 -2.02 30.98 27.80
CA PHE A 93 -1.27 31.19 26.56
C PHE A 93 -0.62 29.91 26.04
N VAL A 94 0.11 29.22 26.91
CA VAL A 94 0.81 28.00 26.52
C VAL A 94 -0.17 26.89 26.14
N ILE A 95 -1.27 26.80 26.89
CA ILE A 95 -2.33 25.85 26.55
C ILE A 95 -2.85 26.11 25.14
N LEU A 96 -3.13 27.38 24.84
CA LEU A 96 -3.66 27.75 23.54
C LEU A 96 -2.63 27.58 22.42
N LEU A 97 -1.37 27.87 22.73
CA LEU A 97 -0.30 27.74 21.75
C LEU A 97 -0.08 26.28 21.37
N ILE A 98 -0.02 25.41 22.37
CA ILE A 98 0.14 23.98 22.15
C ILE A 98 -1.11 23.42 21.47
N LEU A 99 -2.27 23.95 21.83
CA LEU A 99 -3.54 23.54 21.25
C LEU A 99 -3.54 23.78 19.74
N ILE A 100 -3.02 24.94 19.34
CA ILE A 100 -2.89 25.27 17.93
C ILE A 100 -1.79 24.45 17.28
N ALA A 101 -0.68 24.29 18.02
CA ALA A 101 0.49 23.56 17.52
C ALA A 101 0.15 22.13 17.11
N ASN A 102 -0.51 21.40 18.00
CA ASN A 102 -0.92 20.03 17.70
C ASN A 102 -2.00 19.98 16.64
N ALA A 103 -2.79 21.04 16.56
CA ALA A 103 -3.85 21.15 15.55
C ALA A 103 -3.24 21.29 14.16
N ILE A 104 -2.17 22.06 14.06
CA ILE A 104 -1.43 22.22 12.81
C ILE A 104 -0.76 20.90 12.43
N VAL A 105 -0.22 20.22 13.44
CA VAL A 105 0.38 18.90 13.24
C VAL A 105 -0.70 17.89 12.84
N GLY A 106 -1.88 18.03 13.43
CA GLY A 106 -2.98 17.11 13.16
C GLY A 106 -3.64 17.31 11.81
N VAL A 107 -3.60 18.54 11.31
CA VAL A 107 -4.24 18.87 10.03
C VAL A 107 -3.24 18.66 8.88
N TRP A 108 -2.32 17.73 9.09
CA TRP A 108 -1.30 17.43 8.09
C TRP A 108 -1.79 16.42 7.06
N GLN A 109 -2.70 16.86 6.19
CA GLN A 109 -3.18 16.03 5.09
C GLN A 109 -2.96 16.74 3.75
N GLU A 110 -2.06 17.72 3.77
CA GLU A 110 -1.76 18.52 2.58
C GLU A 110 -0.55 17.96 1.84
N ARG A 111 0.46 17.57 2.61
CA ARG A 111 1.72 17.10 2.04
C ARG A 111 1.83 15.58 2.10
N ASN A 112 1.14 14.97 3.06
CA ASN A 112 1.22 13.54 3.29
C ASN A 112 -0.02 12.78 2.84
N ALA A 113 -0.76 13.36 1.90
CA ALA A 113 -1.97 12.72 1.38
C ALA A 113 -2.37 13.31 0.03
N GLU A 114 -2.02 12.62 -1.05
CA GLU A 114 -2.39 13.04 -2.39
C GLU A 114 -3.79 12.56 -2.75
N ASN A 115 -4.17 12.71 -4.01
CA ASN A 115 -5.49 12.32 -4.46
C ASN A 115 -5.42 11.38 -5.67
N ALA A 116 -6.30 10.39 -5.70
CA ALA A 116 -6.31 9.39 -6.77
C ALA A 116 -7.34 9.72 -7.84
N ILE A 117 -8.46 10.29 -7.43
CA ILE A 117 -9.52 10.65 -8.37
C ILE A 117 -9.17 11.93 -9.11
N GLU A 118 -8.50 12.85 -8.41
CA GLU A 118 -8.00 14.07 -9.02
C GLU A 118 -6.95 13.77 -10.07
N ALA A 119 -6.17 12.72 -9.83
CA ALA A 119 -5.16 12.28 -10.79
C ALA A 119 -5.81 11.64 -12.00
N LEU A 120 -7.05 11.20 -11.84
CA LEU A 120 -7.79 10.57 -12.92
C LEU A 120 -8.40 11.63 -13.85
N LYS A 121 -8.28 12.89 -13.46
CA LYS A 121 -8.73 14.00 -14.30
C LYS A 121 -7.65 14.43 -15.28
N GLU A 122 -6.49 13.80 -15.19
CA GLU A 122 -5.37 14.12 -16.08
C GLU A 122 -5.53 13.42 -17.42
N TYR A 123 -6.35 12.36 -17.44
CA TYR A 123 -6.56 11.57 -18.64
C TYR A 123 -7.52 12.26 -19.62
N GLU A 124 -8.62 12.81 -19.09
CA GLU A 124 -9.56 13.52 -19.93
C GLU A 124 -8.88 14.72 -20.57
N PRO A 125 -8.76 14.71 -21.90
CA PRO A 125 -7.99 15.73 -22.64
C PRO A 125 -8.65 17.09 -22.62
N GLU A 126 -7.99 18.07 -23.24
CA GLU A 126 -8.49 19.44 -23.29
C GLU A 126 -9.46 19.62 -24.45
N MET A 127 -9.08 19.13 -25.62
CA MET A 127 -9.89 19.29 -26.83
C MET A 127 -9.91 18.03 -27.67
N GLY A 128 -10.93 17.92 -28.52
CA GLY A 128 -11.08 16.77 -29.41
C GLY A 128 -11.66 17.18 -30.75
N LYS A 129 -11.43 16.37 -31.77
CA LYS A 129 -11.86 16.67 -33.13
C LYS A 129 -13.21 16.02 -33.47
N VAL A 130 -14.19 16.83 -33.82
CA VAL A 130 -15.53 16.33 -34.14
C VAL A 130 -16.00 16.79 -35.51
N TYR A 131 -16.84 15.98 -36.14
CA TYR A 131 -17.42 16.33 -37.43
C TYR A 131 -18.90 16.64 -37.27
N ARG A 132 -19.22 17.88 -36.91
CA ARG A 132 -20.61 18.29 -36.77
C ARG A 132 -21.21 18.59 -38.14
N ALA A 133 -22.54 18.66 -38.19
CA ALA A 133 -23.24 18.84 -39.46
C ALA A 133 -23.29 20.31 -39.89
N ASP A 134 -23.04 21.22 -38.95
CA ASP A 134 -23.11 22.65 -39.23
C ASP A 134 -21.88 23.13 -40.00
N ARG A 135 -20.85 22.31 -40.02
CA ARG A 135 -19.61 22.64 -40.73
C ARG A 135 -19.11 21.46 -41.55
N LYS A 136 -18.30 21.75 -42.57
CA LYS A 136 -17.74 20.71 -43.43
C LYS A 136 -16.38 20.26 -42.92
N SER A 137 -15.49 21.22 -42.70
CA SER A 137 -14.15 20.91 -42.23
C SER A 137 -14.17 20.44 -40.78
N VAL A 138 -13.11 19.76 -40.37
CA VAL A 138 -13.00 19.25 -39.01
C VAL A 138 -12.85 20.41 -38.02
N GLN A 139 -13.73 20.42 -37.01
CA GLN A 139 -13.68 21.44 -35.98
C GLN A 139 -13.37 20.85 -34.62
N ARG A 140 -12.32 21.34 -33.97
CA ARG A 140 -11.96 20.87 -32.65
C ARG A 140 -12.67 21.69 -31.56
N ILE A 141 -13.35 20.98 -30.65
CA ILE A 141 -14.05 21.63 -29.56
C ILE A 141 -13.49 21.16 -28.24
N LYS A 142 -14.01 21.71 -27.14
CA LYS A 142 -13.65 21.24 -25.81
C LYS A 142 -14.07 19.77 -25.65
N ALA A 143 -13.24 19.01 -24.95
CA ALA A 143 -13.50 17.58 -24.77
C ALA A 143 -14.79 17.36 -24.00
N ARG A 144 -15.13 18.31 -23.13
CA ARG A 144 -16.33 18.21 -22.31
C ARG A 144 -17.59 18.52 -23.12
N ASP A 145 -17.42 19.24 -24.22
CA ASP A 145 -18.55 19.61 -25.07
C ASP A 145 -18.98 18.45 -25.97
N ILE A 146 -18.14 17.42 -26.02
CA ILE A 146 -18.43 16.24 -26.85
C ILE A 146 -19.56 15.42 -26.23
N VAL A 147 -20.49 14.99 -27.08
CA VAL A 147 -21.65 14.25 -26.63
C VAL A 147 -21.70 12.87 -27.29
N PRO A 148 -22.42 11.91 -26.66
CA PRO A 148 -22.60 10.60 -27.29
C PRO A 148 -23.28 10.69 -28.65
N GLY A 149 -22.69 10.06 -29.66
CA GLY A 149 -23.22 10.12 -31.01
C GLY A 149 -22.36 10.97 -31.92
N ASP A 150 -21.47 11.76 -31.32
CA ASP A 150 -20.55 12.60 -32.07
C ASP A 150 -19.65 11.77 -32.99
N ILE A 151 -19.46 12.24 -34.22
CA ILE A 151 -18.56 11.59 -35.15
C ILE A 151 -17.16 12.17 -34.97
N VAL A 152 -16.39 11.57 -34.08
CA VAL A 152 -15.08 12.09 -33.72
C VAL A 152 -13.97 11.53 -34.61
N GLU A 153 -12.87 12.25 -34.66
CA GLU A 153 -11.70 11.81 -35.42
C GLU A 153 -10.50 11.73 -34.49
N VAL A 154 -9.67 10.71 -34.69
CA VAL A 154 -8.45 10.55 -33.91
C VAL A 154 -7.26 10.28 -34.82
N ALA A 155 -6.10 10.77 -34.41
CA ALA A 155 -4.86 10.53 -35.14
C ALA A 155 -3.74 10.17 -34.17
N VAL A 156 -2.54 9.95 -34.70
CA VAL A 156 -1.40 9.60 -33.87
C VAL A 156 -1.04 10.76 -32.95
N GLY A 157 -0.96 10.47 -31.65
CA GLY A 157 -0.63 11.48 -30.66
C GLY A 157 -1.84 11.99 -29.91
N ASP A 158 -3.00 11.88 -30.54
CA ASP A 158 -4.25 12.33 -29.91
C ASP A 158 -4.60 11.51 -28.68
N LYS A 159 -5.19 12.16 -27.69
CA LYS A 159 -5.67 11.48 -26.50
C LYS A 159 -7.18 11.28 -26.62
N VAL A 160 -7.60 10.02 -26.62
CA VAL A 160 -9.00 9.67 -26.83
C VAL A 160 -9.92 10.33 -25.78
N PRO A 161 -10.86 11.17 -26.26
CA PRO A 161 -11.71 12.00 -25.40
C PRO A 161 -12.86 11.25 -24.74
N ALA A 162 -13.44 10.28 -25.44
CA ALA A 162 -14.55 9.50 -24.90
C ALA A 162 -14.48 8.06 -25.38
N ASP A 163 -15.35 7.22 -24.85
CA ASP A 163 -15.45 5.84 -25.33
C ASP A 163 -16.11 5.84 -26.70
N ILE A 164 -15.33 5.47 -27.72
CA ILE A 164 -15.77 5.62 -29.10
C ILE A 164 -15.84 4.28 -29.84
N ARG A 165 -16.98 4.04 -30.48
CA ARG A 165 -17.12 2.91 -31.39
C ARG A 165 -16.49 3.27 -32.73
N ILE A 166 -15.45 2.53 -33.10
CA ILE A 166 -14.71 2.80 -34.33
C ILE A 166 -15.56 2.53 -35.57
N LEU A 167 -15.62 3.52 -36.46
CA LEU A 167 -16.41 3.42 -37.68
C LEU A 167 -15.55 3.05 -38.88
N SER A 168 -14.57 3.90 -39.19
CA SER A 168 -13.70 3.69 -40.34
C SER A 168 -12.25 4.02 -40.03
N ILE A 169 -11.35 3.12 -40.40
CA ILE A 169 -9.92 3.35 -40.22
C ILE A 169 -9.32 3.92 -41.50
N LYS A 170 -8.81 5.15 -41.42
CA LYS A 170 -8.29 5.84 -42.59
C LYS A 170 -6.84 5.43 -42.88
N SER A 171 -6.09 5.14 -41.82
CA SER A 171 -4.71 4.70 -41.96
C SER A 171 -4.64 3.22 -42.27
N THR A 172 -3.42 2.71 -42.49
CA THR A 172 -3.21 1.30 -42.78
C THR A 172 -3.63 0.43 -41.60
N THR A 173 -2.97 0.63 -40.46
CA THR A 173 -3.32 -0.08 -39.24
C THR A 173 -3.46 0.91 -38.08
N LEU A 174 -4.35 0.61 -37.14
CA LEU A 174 -4.57 1.49 -36.00
C LEU A 174 -4.07 0.87 -34.69
N ARG A 175 -3.16 1.58 -34.03
CA ARG A 175 -2.62 1.12 -32.76
C ARG A 175 -2.86 2.15 -31.65
N VAL A 176 -3.39 1.69 -30.52
CA VAL A 176 -3.61 2.58 -29.38
C VAL A 176 -2.82 2.11 -28.16
N ASP A 177 -2.42 3.07 -27.33
CA ASP A 177 -1.64 2.77 -26.14
C ASP A 177 -2.54 2.66 -24.91
N GLN A 178 -3.11 1.47 -24.71
CA GLN A 178 -3.97 1.23 -23.58
C GLN A 178 -3.16 0.82 -22.35
N SER A 179 -2.09 1.56 -22.09
CA SER A 179 -1.17 1.23 -20.99
C SER A 179 -1.80 1.43 -19.62
N ILE A 180 -2.66 2.44 -19.51
CA ILE A 180 -3.28 2.74 -18.22
C ILE A 180 -4.38 1.73 -17.89
N LEU A 181 -5.05 1.21 -18.92
CA LEU A 181 -6.17 0.32 -18.72
C LEU A 181 -5.77 -1.15 -18.79
N THR A 182 -4.46 -1.40 -18.89
CA THR A 182 -3.96 -2.77 -18.94
C THR A 182 -2.73 -2.94 -18.05
N GLY A 183 -1.86 -1.94 -18.03
CA GLY A 183 -0.61 -2.02 -17.32
C GLY A 183 0.53 -2.37 -18.26
N GLU A 184 0.18 -3.01 -19.37
CA GLU A 184 1.17 -3.40 -20.38
C GLU A 184 1.71 -2.19 -21.14
N SER A 185 2.34 -2.45 -22.28
CA SER A 185 2.98 -1.38 -23.05
C SER A 185 2.77 -1.55 -24.55
N VAL A 186 2.61 -2.80 -24.99
CA VAL A 186 2.43 -3.08 -26.42
C VAL A 186 1.13 -2.48 -26.95
N SER A 187 1.25 -1.56 -27.89
CA SER A 187 0.10 -0.93 -28.52
C SER A 187 -0.76 -1.97 -29.23
N VAL A 188 -2.02 -2.06 -28.83
CA VAL A 188 -2.94 -3.04 -29.39
C VAL A 188 -3.54 -2.56 -30.70
N ILE A 189 -3.87 -3.51 -31.58
CA ILE A 189 -4.41 -3.21 -32.90
C ILE A 189 -5.94 -3.23 -32.89
N LYS A 190 -6.56 -2.25 -33.55
CA LYS A 190 -8.02 -2.16 -33.58
C LYS A 190 -8.61 -2.51 -34.95
N HIS A 191 -9.90 -2.85 -34.95
CA HIS A 191 -10.63 -3.14 -36.18
C HIS A 191 -12.02 -2.53 -36.14
N THR A 192 -12.83 -2.79 -37.15
CA THR A 192 -14.15 -2.20 -37.25
C THR A 192 -15.27 -3.23 -37.09
N GLU A 193 -14.96 -4.50 -37.32
CA GLU A 193 -15.95 -5.56 -37.21
C GLU A 193 -16.41 -5.73 -35.77
N PRO A 194 -17.69 -6.10 -35.58
CA PRO A 194 -18.28 -6.16 -34.23
C PRO A 194 -17.76 -7.29 -33.38
N VAL A 195 -17.74 -7.06 -32.06
CA VAL A 195 -17.40 -8.08 -31.09
C VAL A 195 -18.69 -8.68 -30.54
N PRO A 196 -19.12 -9.83 -31.09
CA PRO A 196 -20.43 -10.45 -30.87
C PRO A 196 -20.80 -10.59 -29.39
N ASP A 197 -19.81 -10.94 -28.56
CA ASP A 197 -20.03 -11.11 -27.13
C ASP A 197 -20.51 -9.83 -26.47
N PRO A 198 -21.76 -9.82 -25.98
CA PRO A 198 -22.34 -8.65 -25.33
C PRO A 198 -21.71 -8.34 -23.97
N ARG A 199 -21.02 -9.32 -23.40
CA ARG A 199 -20.34 -9.13 -22.12
C ARG A 199 -18.84 -9.40 -22.23
N ALA A 200 -18.25 -8.99 -23.35
CA ALA A 200 -16.82 -9.14 -23.57
C ALA A 200 -16.07 -8.07 -22.79
N VAL A 201 -14.89 -8.42 -22.29
CA VAL A 201 -14.04 -7.48 -21.57
C VAL A 201 -13.39 -6.48 -22.52
N ASN A 202 -12.75 -5.46 -21.96
CA ASN A 202 -12.15 -4.39 -22.74
C ASN A 202 -11.00 -4.85 -23.62
N GLN A 203 -10.27 -5.86 -23.16
CA GLN A 203 -9.12 -6.38 -23.90
C GLN A 203 -9.57 -7.04 -25.19
N ASP A 204 -10.83 -7.50 -25.21
CA ASP A 204 -11.38 -8.16 -26.39
C ASP A 204 -12.14 -7.19 -27.29
N LYS A 205 -12.47 -6.01 -26.76
CA LYS A 205 -13.16 -4.99 -27.54
C LYS A 205 -12.21 -4.34 -28.53
N LYS A 206 -12.02 -4.97 -29.68
CA LYS A 206 -11.04 -4.51 -30.66
C LYS A 206 -11.59 -3.42 -31.58
N ASN A 207 -12.85 -3.04 -31.36
CA ASN A 207 -13.45 -1.98 -32.16
C ASN A 207 -13.78 -0.76 -31.32
N MET A 208 -13.10 -0.63 -30.18
CA MET A 208 -13.41 0.45 -29.25
C MET A 208 -12.17 1.25 -28.84
N LEU A 209 -12.33 2.57 -28.80
CA LEU A 209 -11.31 3.44 -28.22
C LEU A 209 -11.80 3.93 -26.87
N PHE A 210 -10.95 3.80 -25.85
CA PHE A 210 -11.37 4.15 -24.50
C PHE A 210 -10.90 5.56 -24.10
N SER A 211 -11.75 6.28 -23.38
CA SER A 211 -11.42 7.61 -22.91
C SER A 211 -10.19 7.57 -22.01
N GLY A 212 -9.14 8.27 -22.42
CA GLY A 212 -7.90 8.26 -21.66
C GLY A 212 -6.76 7.62 -22.45
N THR A 213 -7.12 6.78 -23.41
CA THR A 213 -6.14 6.13 -24.26
C THR A 213 -5.58 7.13 -25.27
N ASN A 214 -4.38 6.87 -25.78
CA ASN A 214 -3.81 7.69 -26.84
C ASN A 214 -3.34 6.81 -28.00
N ILE A 215 -3.64 7.24 -29.22
CA ILE A 215 -3.28 6.47 -30.40
C ILE A 215 -1.77 6.45 -30.60
N ALA A 216 -1.21 5.25 -30.68
CA ALA A 216 0.23 5.07 -30.85
C ALA A 216 0.64 5.18 -32.31
N ALA A 217 -0.25 4.75 -33.20
CA ALA A 217 0.03 4.78 -34.62
C ALA A 217 -1.25 4.70 -35.45
N GLY A 218 -1.43 5.66 -36.36
CA GLY A 218 -2.55 5.63 -37.28
C GLY A 218 -3.54 6.76 -37.11
N LYS A 219 -4.65 6.65 -37.84
CA LYS A 219 -5.71 7.65 -37.82
C LYS A 219 -7.04 7.00 -38.21
N ALA A 220 -8.06 7.19 -37.39
CA ALA A 220 -9.36 6.58 -37.66
C ALA A 220 -10.54 7.48 -37.28
N LEU A 221 -11.72 7.11 -37.77
CA LEU A 221 -12.95 7.86 -37.50
C LEU A 221 -13.98 6.95 -36.85
N GLY A 222 -14.66 7.46 -35.83
CA GLY A 222 -15.64 6.67 -35.12
C GLY A 222 -16.79 7.48 -34.52
N ILE A 223 -17.74 6.78 -33.93
CA ILE A 223 -18.88 7.43 -33.27
C ILE A 223 -18.82 7.22 -31.76
N VAL A 224 -19.07 8.29 -31.01
CA VAL A 224 -19.01 8.25 -29.55
C VAL A 224 -20.10 7.35 -28.96
N ALA A 225 -19.69 6.41 -28.12
CA ALA A 225 -20.61 5.49 -27.48
C ALA A 225 -21.08 6.04 -26.13
N THR A 226 -20.14 6.34 -25.26
CA THR A 226 -20.46 6.91 -23.95
C THR A 226 -19.52 8.05 -23.59
N THR A 227 -20.00 8.94 -22.73
CA THR A 227 -19.20 10.06 -22.25
C THR A 227 -19.28 10.18 -20.74
N GLY A 228 -18.43 11.02 -20.16
CA GLY A 228 -18.47 11.29 -18.74
C GLY A 228 -18.15 10.09 -17.87
N VAL A 229 -19.09 9.75 -16.98
CA VAL A 229 -18.92 8.65 -16.04
C VAL A 229 -19.28 7.30 -16.67
N SER A 230 -19.95 7.36 -17.82
CA SER A 230 -20.38 6.14 -18.50
C SER A 230 -19.24 5.52 -19.31
N THR A 231 -18.08 6.16 -19.29
CA THR A 231 -16.89 5.61 -19.94
C THR A 231 -16.20 4.60 -19.02
N GLU A 232 -15.25 3.86 -19.56
CA GLU A 232 -14.54 2.85 -18.78
C GLU A 232 -13.73 3.48 -17.65
N ILE A 233 -13.05 4.58 -17.95
CA ILE A 233 -12.37 5.35 -16.93
C ILE A 233 -13.39 5.94 -15.97
N GLY A 234 -14.46 6.49 -16.52
CA GLY A 234 -15.53 7.08 -15.73
C GLY A 234 -16.17 6.09 -14.77
N LYS A 235 -16.32 4.85 -15.21
CA LYS A 235 -16.95 3.82 -14.40
C LYS A 235 -16.04 3.40 -13.24
N ILE A 236 -14.73 3.38 -13.50
CA ILE A 236 -13.75 3.04 -12.49
C ILE A 236 -13.69 4.15 -11.44
N ARG A 237 -13.92 5.38 -11.89
CA ARG A 237 -13.93 6.54 -10.99
C ARG A 237 -15.02 6.39 -9.94
N ASP A 238 -16.23 6.04 -10.38
CA ASP A 238 -17.36 5.90 -9.49
C ASP A 238 -17.18 4.79 -8.47
N GLN A 239 -16.45 3.74 -8.86
CA GLN A 239 -16.16 2.64 -7.94
C GLN A 239 -15.29 3.12 -6.79
N MET A 240 -14.38 4.04 -7.09
CA MET A 240 -13.51 4.62 -6.07
C MET A 240 -14.20 5.75 -5.32
N ALA A 241 -15.14 6.40 -6.00
CA ALA A 241 -15.89 7.49 -5.40
C ALA A 241 -16.91 6.98 -4.39
N ALA A 242 -17.56 5.87 -4.72
CA ALA A 242 -18.56 5.28 -3.84
C ALA A 242 -17.92 4.27 -2.88
N THR A 243 -16.72 4.59 -2.41
CA THR A 243 -16.00 3.74 -1.48
C THR A 243 -15.42 4.55 -0.33
N GLU A 244 -16.00 4.41 0.85
CA GLU A 244 -15.51 5.11 2.03
C GLU A 244 -14.32 4.35 2.63
N GLN A 245 -13.31 5.11 3.06
CA GLN A 245 -12.10 4.51 3.60
C GLN A 245 -12.05 4.69 5.12
N ASP A 246 -12.19 3.57 5.84
CA ASP A 246 -12.21 3.60 7.30
C ASP A 246 -10.85 3.97 7.87
N LYS A 247 -10.85 4.73 8.97
CA LYS A 247 -9.62 5.09 9.64
C LYS A 247 -9.02 3.89 10.35
N THR A 248 -7.69 3.86 10.43
CA THR A 248 -6.96 2.75 11.05
C THR A 248 -7.43 2.48 12.48
N PRO A 249 -7.53 1.19 12.86
CA PRO A 249 -8.04 0.76 14.16
C PRO A 249 -7.39 1.47 15.34
N LEU A 250 -6.10 1.78 15.23
CA LEU A 250 -5.40 2.47 16.30
C LEU A 250 -5.99 3.85 16.55
N GLN A 251 -6.31 4.56 15.46
CA GLN A 251 -6.91 5.89 15.57
C GLN A 251 -8.29 5.83 16.20
N GLN A 252 -9.03 4.76 15.93
CA GLN A 252 -10.34 4.56 16.56
C GLN A 252 -10.18 4.31 18.06
N LYS A 253 -9.11 3.62 18.43
CA LYS A 253 -8.81 3.37 19.84
C LYS A 253 -8.46 4.67 20.55
N LEU A 254 -7.77 5.55 19.85
CA LEU A 254 -7.40 6.85 20.41
C LEU A 254 -8.63 7.73 20.58
N ASP A 255 -9.56 7.63 19.63
CA ASP A 255 -10.81 8.37 19.72
C ASP A 255 -11.70 7.80 20.81
N GLU A 256 -11.65 6.47 20.97
CA GLU A 256 -12.39 5.80 22.02
C GLU A 256 -11.78 6.15 23.38
N PHE A 257 -10.46 6.23 23.43
CA PHE A 257 -9.75 6.61 24.64
C PHE A 257 -10.05 8.06 25.00
N GLY A 258 -10.29 8.88 23.98
CA GLY A 258 -10.61 10.28 24.18
C GLY A 258 -11.97 10.46 24.83
N GLU A 259 -12.89 9.57 24.52
CA GLU A 259 -14.24 9.63 25.07
C GLU A 259 -14.27 9.15 26.51
N GLN A 260 -13.56 8.05 26.78
CA GLN A 260 -13.48 7.50 28.12
C GLN A 260 -12.77 8.47 29.07
N LEU A 261 -11.71 9.07 28.58
CA LEU A 261 -10.93 10.02 29.36
C LEU A 261 -11.76 11.24 29.73
N SER A 262 -12.60 11.68 28.81
CA SER A 262 -13.50 12.81 29.05
C SER A 262 -14.52 12.50 30.13
N LYS A 263 -14.91 11.24 30.23
CA LYS A 263 -15.82 10.80 31.28
C LYS A 263 -15.13 10.82 32.64
N VAL A 264 -13.87 10.41 32.66
CA VAL A 264 -13.08 10.39 33.88
C VAL A 264 -12.85 11.81 34.41
N ILE A 265 -12.54 12.72 33.49
CA ILE A 265 -12.31 14.12 33.84
C ILE A 265 -13.56 14.76 34.43
N SER A 266 -14.71 14.50 33.80
CA SER A 266 -15.98 15.02 34.28
C SER A 266 -16.38 14.36 35.61
N LEU A 267 -15.92 13.14 35.82
CA LEU A 267 -16.24 12.40 37.04
C LEU A 267 -15.51 13.00 38.24
N ILE A 268 -14.23 13.29 38.07
CA ILE A 268 -13.42 13.84 39.15
C ILE A 268 -13.90 15.24 39.54
N CYS A 269 -14.24 16.05 38.54
CA CYS A 269 -14.74 17.40 38.78
C CYS A 269 -16.03 17.39 39.61
N VAL A 270 -16.81 16.32 39.45
CA VAL A 270 -18.00 16.13 40.28
C VAL A 270 -17.60 15.55 41.63
N ALA A 271 -16.62 14.63 41.60
CA ALA A 271 -16.10 14.03 42.82
C ALA A 271 -15.49 15.07 43.75
N VAL A 272 -14.68 15.95 43.19
CA VAL A 272 -14.08 17.04 43.94
C VAL A 272 -15.17 17.97 44.50
N TRP A 273 -16.21 18.17 43.71
CA TRP A 273 -17.35 18.99 44.11
C TRP A 273 -18.09 18.37 45.28
N LEU A 274 -18.09 17.03 45.34
CA LEU A 274 -18.79 16.30 46.39
C LEU A 274 -17.96 16.20 47.67
N ILE A 275 -16.64 16.17 47.52
CA ILE A 275 -15.75 16.19 48.68
C ILE A 275 -15.84 17.56 49.35
N ASN A 276 -16.08 18.58 48.51
CA ASN A 276 -16.18 19.95 48.99
C ASN A 276 -17.61 20.31 49.41
N ILE A 277 -18.39 19.29 49.77
CA ILE A 277 -19.76 19.50 50.22
C ILE A 277 -19.77 19.94 51.68
N GLY A 278 -18.61 19.84 52.33
CA GLY A 278 -18.46 20.26 53.71
C GLY A 278 -18.49 21.76 53.88
N HIS A 279 -18.29 22.48 52.77
CA HIS A 279 -18.33 23.94 52.79
C HIS A 279 -19.77 24.46 52.70
N PHE A 280 -20.72 23.54 52.57
CA PHE A 280 -22.13 23.90 52.64
C PHE A 280 -22.53 24.19 54.08
N ASN A 281 -21.74 23.65 55.02
CA ASN A 281 -21.97 23.87 56.43
C ASN A 281 -20.99 24.87 57.02
N ASP A 282 -20.73 25.93 56.27
CA ASP A 282 -19.85 27.01 56.72
C ASP A 282 -20.60 28.34 56.74
N PRO A 283 -20.22 29.23 57.67
CA PRO A 283 -20.89 30.53 57.80
C PRO A 283 -20.71 31.41 56.57
N VAL A 284 -21.80 32.01 56.11
CA VAL A 284 -21.75 32.94 54.99
C VAL A 284 -20.96 34.17 55.39
N HIS A 285 -21.00 34.50 56.69
CA HIS A 285 -20.23 35.61 57.24
C HIS A 285 -18.86 35.14 57.72
N GLY A 286 -18.34 34.09 57.10
CA GLY A 286 -17.05 33.54 57.47
C GLY A 286 -16.10 33.44 56.29
N GLY A 287 -16.43 34.13 55.20
CA GLY A 287 -15.61 34.11 54.01
C GLY A 287 -16.35 34.65 52.81
N SER A 288 -15.88 34.25 51.61
CA SER A 288 -16.50 34.69 50.37
C SER A 288 -16.64 33.53 49.39
N TRP A 289 -17.77 33.49 48.70
CA TRP A 289 -18.05 32.42 47.73
C TRP A 289 -17.15 32.56 46.49
N ILE A 290 -16.62 33.76 46.28
CA ILE A 290 -15.77 34.02 45.12
C ILE A 290 -14.41 33.32 45.30
N ARG A 291 -13.96 33.20 46.54
CA ARG A 291 -12.69 32.53 46.82
C ARG A 291 -12.83 31.03 46.61
N GLY A 292 -14.05 30.53 46.76
CA GLY A 292 -14.33 29.12 46.53
C GLY A 292 -14.38 28.81 45.05
N ALA A 293 -15.00 29.71 44.28
CA ALA A 293 -15.15 29.53 42.84
C ALA A 293 -13.79 29.45 42.13
N ILE A 294 -12.81 30.17 42.66
CA ILE A 294 -11.45 30.13 42.11
C ILE A 294 -10.85 28.75 42.31
N TYR A 295 -11.09 28.17 43.48
CA TYR A 295 -10.59 26.84 43.81
C TYR A 295 -11.21 25.78 42.91
N TYR A 296 -12.53 25.88 42.70
CA TYR A 296 -13.25 24.94 41.86
C TYR A 296 -12.80 25.03 40.41
N PHE A 297 -12.52 26.24 39.96
CA PHE A 297 -12.11 26.47 38.57
C PHE A 297 -10.67 26.05 38.31
N LYS A 298 -9.79 26.24 39.29
CA LYS A 298 -8.38 25.93 39.11
C LYS A 298 -8.12 24.43 39.20
N ILE A 299 -8.91 23.74 40.01
CA ILE A 299 -8.82 22.28 40.09
C ILE A 299 -9.35 21.66 38.81
N ALA A 300 -10.33 22.32 38.21
CA ALA A 300 -10.93 21.84 36.96
C ALA A 300 -9.90 21.80 35.84
N VAL A 301 -9.17 22.90 35.65
CA VAL A 301 -8.16 22.97 34.61
C VAL A 301 -6.93 22.16 34.99
N ALA A 302 -6.80 21.86 36.27
CA ALA A 302 -5.70 21.02 36.76
C ALA A 302 -5.89 19.59 36.30
N LEU A 303 -7.11 19.06 36.47
CA LEU A 303 -7.44 17.72 36.03
C LEU A 303 -7.33 17.56 34.52
N ALA A 304 -7.68 18.62 33.81
CA ALA A 304 -7.66 18.61 32.34
C ALA A 304 -6.24 18.40 31.80
N VAL A 305 -5.32 19.22 32.26
CA VAL A 305 -3.94 19.15 31.82
C VAL A 305 -3.24 17.92 32.40
N ALA A 306 -3.80 17.39 33.49
CA ALA A 306 -3.24 16.21 34.14
C ALA A 306 -3.53 14.93 33.37
N ALA A 307 -4.81 14.62 33.19
CA ALA A 307 -5.23 13.35 32.60
C ALA A 307 -4.88 13.22 31.13
N ILE A 308 -4.76 14.35 30.45
CA ILE A 308 -4.57 14.35 29.00
C ILE A 308 -3.10 14.48 28.60
N PRO A 309 -2.63 13.56 27.75
CA PRO A 309 -1.27 13.60 27.20
C PRO A 309 -1.12 14.66 26.12
N GLU A 310 -0.62 15.84 26.49
CA GLU A 310 -0.51 16.95 25.53
C GLU A 310 0.58 16.73 24.50
N GLY A 311 1.49 15.79 24.78
CA GLY A 311 2.63 15.55 23.90
C GLY A 311 2.43 14.43 22.91
N LEU A 312 1.49 13.54 23.20
CA LEU A 312 1.26 12.33 22.40
C LEU A 312 1.07 12.57 20.89
N PRO A 313 0.25 13.55 20.47
CA PRO A 313 0.10 13.72 19.02
C PRO A 313 1.38 14.21 18.34
N ALA A 314 2.24 14.89 19.08
CA ALA A 314 3.49 15.38 18.54
C ALA A 314 4.54 14.27 18.48
N VAL A 315 4.45 13.33 19.42
CA VAL A 315 5.42 12.25 19.49
C VAL A 315 5.19 11.20 18.40
N ILE A 316 3.93 10.78 18.24
CA ILE A 316 3.60 9.75 17.26
C ILE A 316 3.80 10.26 15.83
N THR A 317 3.57 11.54 15.61
CA THR A 317 3.76 12.13 14.29
C THR A 317 5.24 12.14 13.93
N THR A 318 6.08 12.37 14.94
CA THR A 318 7.53 12.32 14.77
C THR A 318 7.98 10.87 14.61
N CYS A 319 7.37 9.97 15.38
CA CYS A 319 7.71 8.56 15.36
C CYS A 319 7.38 7.92 14.00
N LEU A 320 6.20 8.23 13.48
CA LEU A 320 5.76 7.69 12.19
C LEU A 320 6.61 8.23 11.05
N ALA A 321 7.00 9.49 11.14
CA ALA A 321 7.85 10.12 10.15
C ALA A 321 9.25 9.48 10.14
N LEU A 322 9.69 9.05 11.32
CA LEU A 322 10.97 8.36 11.45
C LEU A 322 10.85 6.92 10.99
N GLY A 323 9.62 6.47 10.79
CA GLY A 323 9.36 5.14 10.27
C GLY A 323 9.39 5.14 8.75
N THR A 324 8.78 6.15 8.16
CA THR A 324 8.72 6.30 6.71
C THR A 324 10.12 6.35 6.09
N ARG A 325 11.06 7.00 6.77
CA ARG A 325 12.43 7.09 6.29
C ARG A 325 13.10 5.71 6.33
N ARG A 326 12.64 4.87 7.25
CA ARG A 326 13.14 3.50 7.34
C ARG A 326 12.48 2.62 6.29
N MET A 327 11.22 2.92 5.97
CA MET A 327 10.51 2.22 4.92
C MET A 327 11.17 2.49 3.57
N ALA A 328 11.61 3.73 3.37
CA ALA A 328 12.25 4.13 2.12
C ALA A 328 13.62 3.49 1.96
N LYS A 329 14.27 3.19 3.08
CA LYS A 329 15.58 2.55 3.04
C LYS A 329 15.48 1.09 2.64
N LYS A 330 14.29 0.52 2.81
CA LYS A 330 14.04 -0.86 2.42
C LYS A 330 13.18 -0.94 1.17
N ASN A 331 13.30 0.08 0.32
CA ASN A 331 12.55 0.15 -0.94
C ASN A 331 11.05 0.03 -0.76
N ALA A 332 10.49 0.91 0.07
CA ALA A 332 9.05 0.91 0.35
C ALA A 332 8.53 2.31 0.60
N ILE A 333 8.21 3.02 -0.49
CA ILE A 333 7.67 4.38 -0.39
C ILE A 333 6.25 4.36 0.17
N VAL A 334 6.08 4.84 1.39
CA VAL A 334 4.78 4.89 2.03
C VAL A 334 4.14 6.27 1.87
N ARG A 335 2.91 6.28 1.36
CA ARG A 335 2.22 7.54 1.09
C ARG A 335 1.75 8.20 2.37
N SER A 336 0.72 7.63 3.00
CA SER A 336 0.16 8.19 4.22
C SER A 336 0.93 7.69 5.45
N LEU A 337 0.91 8.50 6.50
CA LEU A 337 1.63 8.18 7.73
C LEU A 337 0.98 7.08 8.59
N PRO A 338 -0.36 7.10 8.76
CA PRO A 338 -0.94 6.02 9.58
C PRO A 338 -0.76 4.64 8.98
N SER A 339 -0.43 4.59 7.69
CA SER A 339 -0.26 3.33 6.98
C SER A 339 0.89 2.50 7.55
N VAL A 340 1.90 3.17 8.08
CA VAL A 340 3.08 2.49 8.60
C VAL A 340 2.77 1.76 9.90
N GLU A 341 1.62 2.08 10.49
CA GLU A 341 1.19 1.43 11.72
C GLU A 341 0.35 0.19 11.41
N THR A 342 -0.64 0.36 10.54
CA THR A 342 -1.53 -0.74 10.16
C THR A 342 -0.82 -1.76 9.28
N LEU A 343 0.34 -1.37 8.76
CA LEU A 343 1.13 -2.24 7.92
C LEU A 343 1.61 -3.47 8.68
N GLY A 344 1.85 -3.30 9.98
CA GLY A 344 2.26 -4.42 10.82
C GLY A 344 1.12 -5.39 11.05
N CYS A 345 -0.11 -4.89 11.00
CA CYS A 345 -1.28 -5.71 11.24
C CYS A 345 -1.76 -6.39 9.95
N THR A 346 -0.89 -6.42 8.95
CA THR A 346 -1.19 -7.08 7.69
C THR A 346 -1.32 -8.58 7.88
N SER A 347 -2.44 -9.14 7.42
CA SER A 347 -2.72 -10.56 7.60
C SER A 347 -2.64 -11.34 6.28
N VAL A 348 -3.01 -10.68 5.19
CA VAL A 348 -3.01 -11.32 3.88
C VAL A 348 -2.34 -10.44 2.82
N ILE A 349 -1.38 -11.01 2.10
CA ILE A 349 -0.73 -10.30 1.01
C ILE A 349 -1.06 -10.91 -0.34
N CYS A 350 -1.91 -10.24 -1.11
CA CYS A 350 -2.22 -10.70 -2.46
C CYS A 350 -1.26 -10.05 -3.46
N SER A 351 -0.34 -10.85 -3.98
CA SER A 351 0.65 -10.34 -4.91
C SER A 351 0.52 -10.95 -6.31
N ASP A 352 0.87 -10.16 -7.31
CA ASP A 352 0.90 -10.63 -8.69
C ASP A 352 2.19 -11.41 -8.93
N LYS A 353 2.15 -12.36 -9.86
CA LYS A 353 3.31 -13.20 -10.13
C LYS A 353 4.35 -12.43 -10.94
N THR A 354 4.01 -12.14 -12.19
CA THR A 354 4.93 -11.49 -13.11
C THR A 354 5.34 -10.09 -12.65
N GLY A 355 6.62 -9.94 -12.32
CA GLY A 355 7.15 -8.65 -11.90
C GLY A 355 7.48 -8.59 -10.43
N THR A 356 6.60 -9.13 -9.59
CA THR A 356 6.79 -9.08 -8.15
C THR A 356 7.39 -10.39 -7.63
N LEU A 357 6.72 -11.49 -7.91
CA LEU A 357 7.18 -12.81 -7.49
C LEU A 357 8.24 -13.34 -8.44
N THR A 358 8.18 -12.91 -9.69
CA THR A 358 9.14 -13.35 -10.70
C THR A 358 10.01 -12.19 -11.20
N THR A 359 11.25 -12.50 -11.55
CA THR A 359 12.19 -11.50 -12.02
C THR A 359 11.90 -11.04 -13.44
N ASN A 360 10.92 -11.68 -14.06
CA ASN A 360 10.57 -11.41 -15.46
C ASN A 360 11.78 -11.57 -16.37
N GLN A 361 12.42 -12.72 -16.30
CA GLN A 361 13.54 -13.04 -17.17
C GLN A 361 13.19 -14.24 -18.05
N MET A 362 12.30 -14.02 -19.01
CA MET A 362 11.86 -15.08 -19.91
C MET A 362 13.05 -15.65 -20.66
N SER A 363 13.19 -16.97 -20.59
CA SER A 363 14.31 -17.66 -21.23
C SER A 363 13.91 -19.08 -21.63
N VAL A 364 13.99 -19.38 -22.92
CA VAL A 364 13.68 -20.71 -23.40
C VAL A 364 14.66 -21.73 -22.83
N CYS A 365 14.15 -22.64 -22.00
CA CYS A 365 14.98 -23.64 -21.35
C CYS A 365 14.96 -24.97 -22.12
N LYS A 366 13.77 -25.39 -22.53
CA LYS A 366 13.59 -26.66 -23.21
C LYS A 366 12.75 -26.53 -24.47
N MET A 367 12.96 -27.44 -25.41
CA MET A 367 12.19 -27.48 -26.65
C MET A 367 12.27 -28.87 -27.27
N PHE A 368 11.19 -29.30 -27.90
CA PHE A 368 11.22 -30.60 -28.57
C PHE A 368 10.57 -30.56 -29.94
N ILE A 369 10.95 -31.52 -30.77
CA ILE A 369 10.37 -31.71 -32.09
C ILE A 369 10.05 -33.18 -32.29
N ILE A 370 9.53 -33.51 -33.47
CA ILE A 370 9.20 -34.90 -33.77
C ILE A 370 10.41 -35.64 -34.33
N ASP A 371 10.62 -36.86 -33.85
CA ASP A 371 11.74 -37.68 -34.32
C ASP A 371 11.26 -38.78 -35.27
N LYS A 372 10.31 -39.58 -34.81
CA LYS A 372 9.80 -40.70 -35.59
C LYS A 372 8.35 -41.02 -35.23
N VAL A 373 7.52 -41.16 -36.26
CA VAL A 373 6.13 -41.56 -36.07
C VAL A 373 5.81 -42.80 -36.89
N ASP A 374 5.41 -43.87 -36.21
CA ASP A 374 5.05 -45.10 -36.88
C ASP A 374 3.80 -45.73 -36.27
N GLY A 375 2.65 -45.13 -36.57
CA GLY A 375 1.38 -45.61 -36.06
C GLY A 375 1.22 -45.33 -34.57
N ASP A 376 1.59 -46.30 -33.75
CA ASP A 376 1.52 -46.16 -32.29
C ASP A 376 2.82 -45.59 -31.75
N PHE A 377 3.94 -46.04 -32.30
CA PHE A 377 5.25 -45.54 -31.88
C PHE A 377 5.40 -44.07 -32.24
N CYS A 378 5.85 -43.28 -31.27
CA CYS A 378 6.04 -41.85 -31.49
C CYS A 378 7.09 -41.26 -30.56
N SER A 379 8.30 -41.09 -31.07
CA SER A 379 9.40 -40.56 -30.28
C SER A 379 9.64 -39.09 -30.56
N LEU A 380 10.11 -38.37 -29.55
CA LEU A 380 10.40 -36.94 -29.69
C LEU A 380 11.88 -36.67 -29.58
N ASN A 381 12.30 -35.48 -30.03
CA ASN A 381 13.67 -35.03 -29.87
C ASN A 381 13.74 -33.79 -28.97
N GLU A 382 13.93 -34.02 -27.69
CA GLU A 382 13.96 -32.93 -26.71
C GLU A 382 15.35 -32.31 -26.60
N PHE A 383 15.39 -30.99 -26.53
CA PHE A 383 16.64 -30.26 -26.37
C PHE A 383 16.56 -29.33 -25.17
N SER A 384 17.69 -29.13 -24.51
CA SER A 384 17.77 -28.18 -23.40
C SER A 384 18.64 -27.00 -23.80
N ILE A 385 18.34 -25.83 -23.26
CA ILE A 385 19.10 -24.62 -23.56
C ILE A 385 19.63 -23.98 -22.28
N THR A 386 20.89 -23.56 -22.30
CA THR A 386 21.51 -22.95 -21.13
C THR A 386 21.59 -21.42 -21.25
N GLY A 387 21.50 -20.74 -20.12
CA GLY A 387 21.61 -19.29 -20.08
C GLY A 387 20.31 -18.58 -19.80
N SER A 388 20.07 -18.24 -18.53
CA SER A 388 18.85 -17.55 -18.13
C SER A 388 18.98 -16.04 -18.30
N THR A 389 19.16 -15.61 -19.55
CA THR A 389 19.32 -14.20 -19.86
C THR A 389 18.96 -13.93 -21.32
N TYR A 390 18.84 -12.65 -21.67
CA TYR A 390 18.53 -12.27 -23.04
C TYR A 390 19.79 -12.26 -23.90
N ALA A 391 20.93 -12.45 -23.25
CA ALA A 391 22.19 -12.54 -23.96
C ALA A 391 22.29 -13.85 -24.73
N PRO A 392 22.79 -13.79 -25.96
CA PRO A 392 22.97 -14.98 -26.80
C PRO A 392 24.16 -15.84 -26.35
N GLU A 393 24.61 -15.63 -25.12
CA GLU A 393 25.71 -16.40 -24.56
C GLU A 393 25.20 -17.69 -23.92
N GLY A 394 24.97 -18.70 -24.77
CA GLY A 394 24.47 -19.98 -24.31
C GLY A 394 24.65 -21.05 -25.37
N GLU A 395 24.19 -22.26 -25.06
CA GLU A 395 24.32 -23.37 -25.99
C GLU A 395 23.17 -24.36 -25.86
N VAL A 396 22.90 -25.07 -26.96
CA VAL A 396 21.85 -26.08 -26.97
C VAL A 396 22.45 -27.47 -26.79
N LEU A 397 21.85 -28.28 -25.93
CA LEU A 397 22.39 -29.60 -25.66
C LEU A 397 21.30 -30.67 -25.63
N LYS A 398 21.62 -31.83 -26.21
CA LYS A 398 20.73 -32.99 -26.18
C LYS A 398 21.33 -34.05 -25.27
N ASN A 399 20.57 -34.47 -24.26
CA ASN A 399 21.05 -35.40 -23.23
C ASN A 399 22.32 -34.89 -22.55
N ASP A 400 22.25 -33.64 -22.10
CA ASP A 400 23.35 -32.97 -21.39
C ASP A 400 24.64 -32.93 -22.20
N LYS A 401 24.52 -33.01 -23.52
CA LYS A 401 25.67 -32.89 -24.40
C LYS A 401 25.37 -31.93 -25.54
N PRO A 402 26.22 -30.90 -25.69
CA PRO A 402 26.02 -29.83 -26.67
C PRO A 402 25.96 -30.34 -28.10
N ILE A 403 24.93 -29.92 -28.84
CA ILE A 403 24.74 -30.35 -30.21
C ILE A 403 24.57 -29.14 -31.14
N ARG A 404 24.79 -29.37 -32.43
CA ARG A 404 24.53 -28.32 -33.42
C ARG A 404 23.06 -28.38 -33.83
N SER A 405 22.32 -27.32 -33.50
CA SER A 405 20.88 -27.29 -33.76
C SER A 405 20.55 -27.33 -35.25
N GLY A 406 21.49 -26.87 -36.07
CA GLY A 406 21.29 -26.81 -37.51
C GLY A 406 21.28 -28.15 -38.19
N GLN A 407 21.79 -29.18 -37.52
CA GLN A 407 21.85 -30.51 -38.09
C GLN A 407 20.51 -31.22 -38.03
N PHE A 408 19.58 -30.66 -37.26
CA PHE A 408 18.22 -31.20 -37.18
C PHE A 408 17.26 -30.33 -37.98
N ASP A 409 16.64 -30.92 -39.00
CA ASP A 409 15.74 -30.19 -39.89
C ASP A 409 14.58 -29.55 -39.14
N GLY A 410 14.03 -30.28 -38.19
CA GLY A 410 12.93 -29.79 -37.37
C GLY A 410 13.32 -28.53 -36.62
N LEU A 411 14.54 -28.51 -36.09
CA LEU A 411 15.01 -27.38 -35.31
C LEU A 411 15.20 -26.14 -36.17
N VAL A 412 15.50 -26.34 -37.46
CA VAL A 412 15.69 -25.22 -38.37
C VAL A 412 14.37 -24.49 -38.60
N GLU A 413 13.31 -25.25 -38.87
CA GLU A 413 11.99 -24.67 -39.06
C GLU A 413 11.48 -24.14 -37.72
N LEU A 414 11.94 -24.76 -36.65
CA LEU A 414 11.63 -24.31 -35.30
C LEU A 414 12.16 -22.90 -35.09
N ALA A 415 13.44 -22.71 -35.43
CA ALA A 415 14.08 -21.42 -35.29
C ALA A 415 13.55 -20.42 -36.30
N THR A 416 13.09 -20.94 -37.44
CA THR A 416 12.52 -20.11 -38.49
C THR A 416 11.25 -19.42 -38.01
N ILE A 417 10.37 -20.18 -37.36
CA ILE A 417 9.11 -19.63 -36.85
C ILE A 417 9.37 -18.63 -35.73
N CYS A 418 10.30 -18.96 -34.84
CA CYS A 418 10.63 -18.11 -33.71
C CYS A 418 11.17 -16.76 -34.15
N ALA A 419 11.81 -16.74 -35.32
CA ALA A 419 12.42 -15.52 -35.82
C ALA A 419 11.42 -14.66 -36.60
N LEU A 420 10.68 -15.29 -37.50
CA LEU A 420 9.74 -14.57 -38.37
C LEU A 420 8.47 -14.17 -37.62
N CYS A 421 7.89 -15.10 -36.89
CA CYS A 421 6.70 -14.82 -36.09
C CYS A 421 7.10 -14.13 -34.79
N ASN A 422 7.63 -12.92 -34.91
CA ASN A 422 8.20 -12.21 -33.77
C ASN A 422 8.24 -10.70 -34.02
N ASP A 423 7.64 -9.94 -33.11
CA ASP A 423 7.63 -8.49 -33.23
C ASP A 423 8.66 -7.85 -32.30
N SER A 424 9.43 -8.68 -31.61
CA SER A 424 10.44 -8.18 -30.69
C SER A 424 11.85 -8.42 -31.22
N SER A 425 12.83 -7.84 -30.55
CA SER A 425 14.22 -7.96 -30.98
C SER A 425 15.20 -7.74 -29.83
N LEU A 426 16.49 -7.85 -30.13
CA LEU A 426 17.53 -7.63 -29.14
C LEU A 426 18.37 -6.40 -29.48
N ASP A 427 18.85 -5.72 -28.43
CA ASP A 427 19.71 -4.56 -28.59
C ASP A 427 20.76 -4.52 -27.49
N PHE A 428 22.03 -4.46 -27.88
CA PHE A 428 23.11 -4.43 -26.91
C PHE A 428 23.31 -3.03 -26.34
N ASN A 429 23.40 -2.94 -25.02
CA ASN A 429 23.60 -1.66 -24.35
C ASN A 429 25.05 -1.54 -23.86
N GLU A 430 25.74 -0.50 -24.30
CA GLU A 430 27.13 -0.29 -23.96
C GLU A 430 27.29 0.47 -22.64
N THR A 431 26.30 1.29 -22.31
CA THR A 431 26.33 2.04 -21.06
C THR A 431 26.23 1.11 -19.86
N LYS A 432 25.26 0.20 -19.90
CA LYS A 432 25.10 -0.79 -18.85
C LYS A 432 26.14 -1.89 -18.98
N GLY A 433 26.34 -2.37 -20.20
CA GLY A 433 27.33 -3.40 -20.47
C GLY A 433 26.72 -4.75 -20.81
N VAL A 434 25.39 -4.81 -20.85
CA VAL A 434 24.68 -6.05 -21.13
C VAL A 434 23.63 -5.88 -22.21
N TYR A 435 23.01 -6.98 -22.61
CA TYR A 435 21.96 -6.97 -23.62
C TYR A 435 20.62 -6.56 -23.01
N GLU A 436 19.73 -6.03 -23.84
CA GLU A 436 18.41 -5.61 -23.37
C GLU A 436 17.30 -6.02 -24.33
N LYS A 437 16.08 -6.10 -23.79
CA LYS A 437 14.92 -6.53 -24.57
C LYS A 437 14.26 -5.39 -25.31
N VAL A 438 13.72 -5.68 -26.49
CA VAL A 438 12.99 -4.69 -27.28
C VAL A 438 11.60 -5.22 -27.65
N GLY A 439 10.60 -4.86 -26.85
CA GLY A 439 9.25 -5.33 -27.07
C GLY A 439 8.75 -6.16 -25.90
N GLU A 440 8.13 -7.29 -26.21
CA GLU A 440 7.67 -8.20 -25.17
C GLU A 440 8.80 -9.08 -24.65
N ALA A 441 8.68 -9.53 -23.41
CA ALA A 441 9.70 -10.36 -22.80
C ALA A 441 9.63 -11.79 -23.33
N THR A 442 8.42 -12.22 -23.66
CA THR A 442 8.21 -13.55 -24.23
C THR A 442 8.86 -13.69 -25.59
N GLU A 443 8.56 -12.74 -26.48
CA GLU A 443 9.06 -12.79 -27.84
C GLU A 443 10.56 -12.53 -27.92
N THR A 444 11.07 -11.71 -27.01
CA THR A 444 12.49 -11.40 -26.98
C THR A 444 13.28 -12.64 -26.58
N ALA A 445 12.71 -13.44 -25.68
CA ALA A 445 13.31 -14.71 -25.27
C ALA A 445 13.42 -15.64 -26.46
N LEU A 446 12.44 -15.56 -27.35
CA LEU A 446 12.44 -16.33 -28.58
C LEU A 446 13.54 -15.86 -29.51
N THR A 447 13.75 -14.55 -29.53
CA THR A 447 14.80 -13.96 -30.35
C THR A 447 16.17 -14.41 -29.86
N THR A 448 16.30 -14.50 -28.54
CA THR A 448 17.54 -14.95 -27.92
C THR A 448 17.80 -16.41 -28.26
N LEU A 449 16.74 -17.21 -28.28
CA LEU A 449 16.83 -18.63 -28.62
C LEU A 449 17.39 -18.84 -30.02
N VAL A 450 16.89 -18.07 -30.97
CA VAL A 450 17.34 -18.17 -32.36
C VAL A 450 18.84 -17.90 -32.46
N GLU A 451 19.32 -16.96 -31.66
CA GLU A 451 20.73 -16.61 -31.65
C GLU A 451 21.58 -17.74 -31.06
N LYS A 452 21.06 -18.38 -30.02
CA LYS A 452 21.77 -19.49 -29.38
C LYS A 452 21.82 -20.71 -30.29
N MET A 453 20.74 -20.93 -31.04
CA MET A 453 20.64 -22.10 -31.89
C MET A 453 21.54 -21.97 -33.12
N ASN A 454 21.38 -20.88 -33.85
CA ASN A 454 22.16 -20.63 -35.07
C ASN A 454 22.07 -21.79 -36.04
N VAL A 455 20.87 -22.00 -36.59
CA VAL A 455 20.59 -23.18 -37.41
C VAL A 455 21.24 -23.15 -38.79
N PHE A 456 21.94 -22.06 -39.10
CA PHE A 456 22.60 -21.95 -40.39
C PHE A 456 24.11 -21.77 -40.24
N ASN A 457 24.59 -21.82 -39.01
CA ASN A 457 26.02 -21.72 -38.71
C ASN A 457 26.67 -20.46 -39.27
N THR A 458 26.23 -19.31 -38.77
CA THR A 458 26.78 -18.03 -39.18
C THR A 458 27.93 -17.63 -38.27
N GLU A 459 28.94 -16.96 -38.83
CA GLU A 459 30.07 -16.47 -38.05
C GLU A 459 29.61 -15.57 -36.91
N VAL A 460 30.13 -15.81 -35.72
CA VAL A 460 29.67 -15.09 -34.54
C VAL A 460 30.82 -14.48 -33.74
N ARG A 461 31.96 -15.16 -33.70
CA ARG A 461 33.11 -14.68 -32.96
C ARG A 461 33.77 -13.51 -33.68
N ASN A 462 33.64 -13.48 -34.99
CA ASN A 462 34.22 -12.41 -35.80
C ASN A 462 33.33 -11.18 -35.85
N LEU A 463 32.14 -11.28 -35.26
CA LEU A 463 31.20 -10.17 -35.21
C LEU A 463 31.37 -9.35 -33.93
N SER A 464 30.80 -8.15 -33.92
CA SER A 464 30.85 -7.29 -32.75
C SER A 464 29.72 -7.64 -31.78
N LYS A 465 29.61 -6.87 -30.71
CA LYS A 465 28.59 -7.11 -29.69
C LYS A 465 27.22 -6.61 -30.14
N VAL A 466 27.22 -5.63 -31.04
CA VAL A 466 26.00 -5.06 -31.57
C VAL A 466 25.44 -5.94 -32.69
N GLU A 467 26.33 -6.39 -33.57
CA GLU A 467 25.95 -7.30 -34.66
C GLU A 467 25.47 -8.64 -34.11
N ARG A 468 25.93 -8.98 -32.92
CA ARG A 468 25.60 -10.23 -32.26
C ARG A 468 24.12 -10.29 -31.86
N ALA A 469 23.54 -9.13 -31.60
CA ALA A 469 22.16 -9.02 -31.12
C ALA A 469 21.16 -9.72 -32.04
N ASN A 470 20.91 -9.12 -33.19
CA ASN A 470 19.99 -9.68 -34.17
C ASN A 470 20.73 -10.30 -35.35
N ALA A 471 21.78 -11.07 -35.06
CA ALA A 471 22.58 -11.71 -36.09
C ALA A 471 21.82 -12.80 -36.83
N CYS A 472 21.62 -13.93 -36.15
CA CYS A 472 20.99 -15.10 -36.76
C CYS A 472 19.54 -14.84 -37.16
N ASN A 473 18.85 -14.01 -36.37
CA ASN A 473 17.46 -13.66 -36.66
C ASN A 473 17.31 -12.98 -38.01
N SER A 474 18.20 -12.04 -38.29
CA SER A 474 18.19 -11.31 -39.56
C SER A 474 18.46 -12.24 -40.74
N VAL A 475 19.29 -13.26 -40.49
CA VAL A 475 19.60 -14.24 -41.53
C VAL A 475 18.34 -15.00 -41.94
N ILE A 476 17.49 -15.28 -40.96
CA ILE A 476 16.21 -15.94 -41.23
C ILE A 476 15.29 -15.01 -42.01
N ARG A 477 15.39 -13.71 -41.75
CA ARG A 477 14.58 -12.72 -42.44
C ARG A 477 15.04 -12.54 -43.89
N GLN A 478 16.24 -13.00 -44.19
CA GLN A 478 16.77 -12.96 -45.55
C GLN A 478 16.11 -14.03 -46.42
N LEU A 479 15.80 -15.17 -45.81
CA LEU A 479 15.16 -16.26 -46.53
C LEU A 479 13.71 -15.96 -46.86
N MET A 480 12.93 -15.58 -45.86
CA MET A 480 11.51 -15.32 -46.04
C MET A 480 11.17 -13.84 -45.89
N LYS A 481 10.39 -13.32 -46.83
CA LYS A 481 9.92 -11.94 -46.77
C LYS A 481 8.64 -11.86 -45.96
N LYS A 482 8.70 -11.16 -44.83
CA LYS A 482 7.57 -11.03 -43.93
C LYS A 482 6.49 -10.12 -44.51
N GLU A 483 5.46 -10.73 -45.09
CA GLU A 483 4.35 -9.98 -45.69
C GLU A 483 3.56 -9.23 -44.63
N PHE A 484 2.64 -9.94 -43.96
CA PHE A 484 1.84 -9.34 -42.90
C PHE A 484 1.72 -10.25 -41.69
N THR A 485 1.36 -9.66 -40.55
CA THR A 485 1.25 -10.40 -39.31
C THR A 485 -0.17 -10.41 -38.76
N LEU A 486 -0.76 -11.60 -38.66
CA LEU A 486 -2.08 -11.72 -38.04
C LEU A 486 -1.95 -11.58 -36.53
N GLU A 487 -2.44 -10.46 -36.00
CA GLU A 487 -2.25 -10.09 -34.61
C GLU A 487 -2.79 -11.13 -33.65
N PHE A 488 -2.23 -11.15 -32.44
CA PHE A 488 -2.68 -12.09 -31.42
C PHE A 488 -4.05 -11.69 -30.88
N SER A 489 -4.81 -12.70 -30.44
CA SER A 489 -6.12 -12.46 -29.84
C SER A 489 -6.44 -13.59 -28.86
N ARG A 490 -7.23 -13.28 -27.84
CA ARG A 490 -7.53 -14.24 -26.79
C ARG A 490 -8.62 -15.24 -27.21
N ASP A 491 -9.30 -14.97 -28.32
CA ASP A 491 -10.35 -15.85 -28.80
C ASP A 491 -9.78 -17.13 -29.39
N ARG A 492 -8.56 -17.07 -29.89
CA ARG A 492 -7.92 -18.22 -30.50
C ARG A 492 -6.57 -18.53 -29.86
N LYS A 493 -6.05 -17.55 -29.11
CA LYS A 493 -4.79 -17.69 -28.38
C LYS A 493 -3.65 -18.17 -29.27
N SER A 494 -3.41 -17.45 -30.36
CA SER A 494 -2.36 -17.78 -31.30
C SER A 494 -2.02 -16.59 -32.19
N MET A 495 -0.83 -16.65 -32.81
CA MET A 495 -0.41 -15.61 -33.73
C MET A 495 0.26 -16.22 -34.95
N SER A 496 -0.10 -15.76 -36.13
CA SER A 496 0.54 -16.24 -37.36
C SER A 496 1.14 -15.08 -38.14
N VAL A 497 1.92 -15.41 -39.15
CA VAL A 497 2.53 -14.40 -40.01
C VAL A 497 2.70 -14.96 -41.42
N TYR A 498 2.27 -14.16 -42.41
CA TYR A 498 2.36 -14.57 -43.81
C TYR A 498 3.76 -14.27 -44.35
N CYS A 499 4.41 -15.29 -44.92
CA CYS A 499 5.76 -15.11 -45.42
C CYS A 499 5.91 -15.58 -46.86
N SER A 500 6.57 -14.75 -47.66
CA SER A 500 6.88 -15.09 -49.04
C SER A 500 8.38 -15.30 -49.20
N PRO A 501 8.76 -16.32 -49.99
CA PRO A 501 10.18 -16.63 -50.20
C PRO A 501 10.90 -15.54 -50.98
N ALA A 502 12.10 -15.17 -50.53
CA ALA A 502 12.89 -14.16 -51.20
C ALA A 502 13.37 -14.66 -52.56
N LYS A 503 13.55 -13.74 -53.50
CA LYS A 503 13.97 -14.09 -54.85
C LYS A 503 15.37 -14.68 -54.88
N SER A 504 15.46 -16.00 -54.72
CA SER A 504 16.75 -16.69 -54.74
C SER A 504 16.55 -18.19 -54.97
N SER A 505 15.29 -18.58 -55.18
CA SER A 505 14.92 -19.97 -55.40
C SER A 505 15.44 -20.89 -54.30
N ARG A 506 14.88 -20.75 -53.11
CA ARG A 506 15.29 -21.54 -51.96
C ARG A 506 14.36 -22.73 -51.74
N ALA A 507 13.77 -23.23 -52.83
CA ALA A 507 12.89 -24.39 -52.80
C ALA A 507 11.74 -24.22 -51.81
N ALA A 508 10.86 -23.25 -52.09
CA ALA A 508 9.72 -22.98 -51.22
C ALA A 508 8.41 -23.23 -51.96
N VAL A 509 7.58 -24.09 -51.40
CA VAL A 509 6.28 -24.41 -51.99
C VAL A 509 5.33 -23.22 -51.86
N GLY A 510 5.44 -22.28 -52.80
CA GLY A 510 4.62 -21.08 -52.76
C GLY A 510 4.90 -20.24 -51.53
N ASN A 511 3.84 -19.93 -50.79
CA ASN A 511 3.97 -19.13 -49.56
C ASN A 511 3.79 -19.98 -48.32
N LYS A 512 4.13 -19.40 -47.16
CA LYS A 512 4.02 -20.11 -45.89
C LYS A 512 3.43 -19.23 -44.79
N MET A 513 2.70 -19.86 -43.88
CA MET A 513 2.18 -19.17 -42.70
C MET A 513 2.75 -19.81 -41.43
N PHE A 514 3.50 -19.04 -40.66
CA PHE A 514 4.13 -19.55 -39.44
C PHE A 514 3.32 -19.16 -38.21
N VAL A 515 2.72 -20.17 -37.57
CA VAL A 515 1.83 -19.94 -36.43
C VAL A 515 2.52 -20.15 -35.09
N LYS A 516 2.30 -19.22 -34.17
CA LYS A 516 2.82 -19.32 -32.80
C LYS A 516 1.73 -18.97 -31.79
N GLY A 517 1.41 -19.92 -30.92
CA GLY A 517 0.37 -19.69 -29.92
C GLY A 517 0.34 -20.74 -28.83
N ALA A 518 -0.68 -20.68 -27.99
CA ALA A 518 -0.86 -21.63 -26.89
C ALA A 518 -1.05 -23.04 -27.43
N PRO A 519 -0.47 -24.04 -26.75
CA PRO A 519 -0.47 -25.43 -27.20
C PRO A 519 -1.87 -25.98 -27.51
N GLU A 520 -2.83 -25.75 -26.62
CA GLU A 520 -4.18 -26.28 -26.76
C GLU A 520 -4.79 -25.96 -28.12
N GLY A 521 -4.90 -24.67 -28.42
CA GLY A 521 -5.52 -24.23 -29.66
C GLY A 521 -4.74 -24.62 -30.91
N VAL A 522 -3.44 -24.39 -30.89
CA VAL A 522 -2.60 -24.63 -32.07
C VAL A 522 -2.57 -26.10 -32.47
N ILE A 523 -2.30 -26.98 -31.50
CA ILE A 523 -2.21 -28.41 -31.75
C ILE A 523 -3.48 -28.96 -32.39
N ASP A 524 -4.64 -28.54 -31.87
CA ASP A 524 -5.93 -29.00 -32.38
C ASP A 524 -6.19 -28.55 -33.81
N ARG A 525 -5.50 -27.49 -34.24
CA ARG A 525 -5.65 -27.00 -35.60
C ARG A 525 -4.58 -27.55 -36.53
N CYS A 526 -3.83 -28.54 -36.03
CA CYS A 526 -2.82 -29.19 -36.84
C CYS A 526 -3.32 -30.55 -37.36
N ASN A 527 -3.52 -30.63 -38.66
CA ASN A 527 -3.90 -31.90 -39.28
C ASN A 527 -2.67 -32.71 -39.66
N TYR A 528 -1.52 -32.04 -39.71
CA TYR A 528 -0.28 -32.66 -40.14
C TYR A 528 0.82 -32.50 -39.09
N VAL A 529 1.83 -33.36 -39.17
CA VAL A 529 2.98 -33.30 -38.27
C VAL A 529 4.28 -33.35 -39.06
N ARG A 530 5.13 -32.35 -38.86
CA ARG A 530 6.42 -32.34 -39.54
C ARG A 530 7.44 -33.22 -38.82
N VAL A 531 7.99 -34.18 -39.55
CA VAL A 531 9.05 -35.02 -39.01
C VAL A 531 10.32 -34.79 -39.81
N GLY A 532 11.10 -33.79 -39.40
CA GLY A 532 12.31 -33.42 -40.11
C GLY A 532 11.96 -32.58 -41.33
N THR A 533 11.87 -33.23 -42.48
CA THR A 533 11.49 -32.54 -43.71
C THR A 533 10.15 -33.05 -44.20
N THR A 534 9.90 -34.35 -44.03
CA THR A 534 8.67 -34.98 -44.48
C THR A 534 7.47 -34.53 -43.65
N ARG A 535 6.29 -34.99 -44.04
CA ARG A 535 5.06 -34.67 -43.33
C ARG A 535 4.19 -35.92 -43.16
N VAL A 536 3.70 -36.12 -41.94
CA VAL A 536 2.78 -37.22 -41.66
C VAL A 536 1.50 -36.68 -41.04
N PRO A 537 0.37 -37.38 -41.24
CA PRO A 537 -0.90 -36.89 -40.69
C PRO A 537 -0.94 -36.93 -39.17
N MET A 538 -1.49 -35.90 -38.56
CA MET A 538 -1.65 -35.84 -37.12
C MET A 538 -2.57 -36.94 -36.62
N THR A 539 -1.99 -38.00 -36.06
CA THR A 539 -2.77 -39.11 -35.53
C THR A 539 -3.00 -38.91 -34.03
N GLY A 540 -3.87 -39.76 -33.47
CA GLY A 540 -4.12 -39.77 -32.04
C GLY A 540 -2.89 -39.89 -31.18
N PRO A 541 -2.18 -41.04 -31.28
CA PRO A 541 -0.97 -41.32 -30.50
C PRO A 541 0.08 -40.19 -30.54
N VAL A 542 0.16 -39.49 -31.66
CA VAL A 542 1.11 -38.38 -31.78
C VAL A 542 0.69 -37.21 -30.89
N LYS A 543 -0.58 -36.83 -30.97
CA LYS A 543 -1.09 -35.73 -30.17
C LYS A 543 -1.02 -36.06 -28.68
N GLU A 544 -1.12 -37.34 -28.35
CA GLU A 544 -0.99 -37.80 -26.98
C GLU A 544 0.39 -37.51 -26.42
N LYS A 545 1.43 -37.79 -27.21
CA LYS A 545 2.81 -37.56 -26.80
C LYS A 545 3.09 -36.07 -26.61
N ILE A 546 2.63 -35.24 -27.54
CA ILE A 546 2.87 -33.82 -27.50
C ILE A 546 2.28 -33.18 -26.24
N LEU A 547 0.99 -33.36 -26.04
CA LEU A 547 0.28 -32.77 -24.90
C LEU A 547 0.81 -33.29 -23.57
N SER A 548 1.30 -34.54 -23.56
CA SER A 548 1.82 -35.13 -22.34
C SER A 548 3.10 -34.44 -21.89
N VAL A 549 4.03 -34.26 -22.82
CA VAL A 549 5.30 -33.58 -22.52
C VAL A 549 5.07 -32.12 -22.16
N ILE A 550 4.15 -31.48 -22.89
CA ILE A 550 3.76 -30.10 -22.60
C ILE A 550 3.19 -29.99 -21.19
N LYS A 551 2.41 -30.99 -20.80
CA LYS A 551 1.84 -31.04 -19.46
C LYS A 551 2.94 -31.25 -18.42
N GLU A 552 3.93 -32.06 -18.76
CA GLU A 552 5.03 -32.37 -17.85
C GLU A 552 5.93 -31.15 -17.63
N TRP A 553 6.08 -30.33 -18.66
CA TRP A 553 6.93 -29.15 -18.57
C TRP A 553 6.25 -28.01 -17.82
N GLY A 554 4.92 -27.99 -17.83
CA GLY A 554 4.17 -26.92 -17.18
C GLY A 554 3.78 -27.25 -15.76
N THR A 555 3.41 -28.51 -15.52
CA THR A 555 3.01 -28.96 -14.19
C THR A 555 4.22 -29.36 -13.37
N GLY A 556 5.29 -29.77 -14.07
CA GLY A 556 6.49 -30.27 -13.42
C GLY A 556 7.24 -29.23 -12.62
N ARG A 557 8.38 -29.63 -12.07
CA ARG A 557 9.19 -28.75 -11.24
C ARG A 557 9.87 -27.67 -12.08
N ASP A 558 9.85 -27.84 -13.39
CA ASP A 558 10.41 -26.85 -14.30
C ASP A 558 9.51 -25.62 -14.39
N THR A 559 8.19 -25.86 -14.30
CA THR A 559 7.17 -24.81 -14.41
C THR A 559 7.41 -23.91 -15.62
N LEU A 560 7.39 -24.51 -16.81
CA LEU A 560 7.67 -23.77 -18.03
C LEU A 560 6.40 -23.30 -18.72
N ARG A 561 6.51 -22.18 -19.43
CA ARG A 561 5.41 -21.68 -20.26
C ARG A 561 5.61 -22.19 -21.68
N CYS A 562 4.87 -23.24 -22.03
CA CYS A 562 5.06 -23.90 -23.31
C CYS A 562 4.33 -23.18 -24.44
N LEU A 563 5.02 -23.08 -25.58
CA LEU A 563 4.47 -22.42 -26.76
C LEU A 563 4.58 -23.34 -27.97
N ALA A 564 3.44 -23.78 -28.48
CA ALA A 564 3.43 -24.66 -29.65
C ALA A 564 3.67 -23.86 -30.93
N LEU A 565 4.54 -24.38 -31.78
CA LEU A 565 4.90 -23.69 -33.03
C LEU A 565 4.53 -24.56 -34.24
N ALA A 566 3.60 -24.08 -35.04
CA ALA A 566 3.18 -24.80 -36.23
C ALA A 566 3.32 -23.93 -37.47
N THR A 567 3.14 -24.54 -38.63
CA THR A 567 3.21 -23.80 -39.89
C THR A 567 2.18 -24.28 -40.90
N ARG A 568 1.62 -23.34 -41.66
CA ARG A 568 0.67 -23.68 -42.72
C ARG A 568 1.43 -23.82 -44.03
N ASP A 569 1.52 -25.06 -44.53
CA ASP A 569 2.28 -25.33 -45.74
C ASP A 569 1.58 -24.78 -46.98
N THR A 570 0.27 -24.97 -47.04
CA THR A 570 -0.53 -24.47 -48.15
C THR A 570 -1.57 -23.46 -47.68
N PRO A 571 -1.15 -22.19 -47.57
CA PRO A 571 -2.02 -21.09 -47.12
C PRO A 571 -2.94 -20.61 -48.23
N PRO A 572 -4.09 -20.01 -47.87
CA PRO A 572 -4.98 -19.42 -48.87
C PRO A 572 -4.30 -18.28 -49.63
N LYS A 573 -4.82 -17.96 -50.82
CA LYS A 573 -4.24 -16.91 -51.64
C LYS A 573 -4.30 -15.55 -50.94
N ARG A 574 -3.42 -14.64 -51.35
CA ARG A 574 -3.35 -13.31 -50.77
C ARG A 574 -4.67 -12.55 -50.93
N GLU A 575 -5.40 -12.87 -52.00
CA GLU A 575 -6.65 -12.19 -52.32
C GLU A 575 -7.83 -12.77 -51.53
N GLU A 576 -7.72 -14.03 -51.15
CA GLU A 576 -8.82 -14.72 -50.46
C GLU A 576 -8.89 -14.37 -48.99
N MET A 577 -7.82 -13.77 -48.47
CA MET A 577 -7.76 -13.44 -47.04
C MET A 577 -8.25 -12.03 -46.76
N VAL A 578 -9.17 -11.91 -45.81
CA VAL A 578 -9.67 -10.61 -45.38
C VAL A 578 -8.91 -10.16 -44.14
N LEU A 579 -7.97 -9.25 -44.32
CA LEU A 579 -7.06 -8.85 -43.25
C LEU A 579 -7.76 -8.06 -42.15
N ASP A 580 -8.82 -7.33 -42.52
CA ASP A 580 -9.55 -6.51 -41.55
C ASP A 580 -10.43 -7.36 -40.65
N ASP A 581 -10.72 -8.58 -41.09
CA ASP A 581 -11.51 -9.52 -40.30
C ASP A 581 -10.63 -10.28 -39.31
N SER A 582 -10.65 -9.84 -38.05
CA SER A 582 -9.85 -10.47 -37.01
C SER A 582 -10.53 -11.75 -36.50
N SER A 583 -11.68 -12.07 -37.06
CA SER A 583 -12.42 -13.26 -36.68
C SER A 583 -12.10 -14.42 -37.63
N ARG A 584 -11.67 -14.08 -38.83
CA ARG A 584 -11.31 -15.09 -39.83
C ARG A 584 -9.85 -15.51 -39.69
N PHE A 585 -9.16 -14.93 -38.72
CA PHE A 585 -7.75 -15.24 -38.49
C PHE A 585 -7.56 -16.68 -38.05
N MET A 586 -8.47 -17.19 -37.22
CA MET A 586 -8.38 -18.57 -36.76
C MET A 586 -8.68 -19.54 -37.89
N GLU A 587 -9.56 -19.14 -38.80
CA GLU A 587 -9.88 -19.95 -39.98
C GLU A 587 -8.68 -20.03 -40.91
N TYR A 588 -7.99 -18.92 -41.08
CA TYR A 588 -6.80 -18.85 -41.93
C TYR A 588 -5.66 -19.63 -41.30
N GLU A 589 -5.76 -19.90 -40.00
CA GLU A 589 -4.74 -20.66 -39.28
C GLU A 589 -5.18 -22.09 -39.02
N THR A 590 -5.82 -22.70 -40.01
CA THR A 590 -6.18 -24.11 -39.93
C THR A 590 -5.34 -24.92 -40.91
N ASP A 591 -5.53 -26.24 -40.91
CA ASP A 591 -4.76 -27.14 -41.77
C ASP A 591 -3.26 -26.96 -41.53
N LEU A 592 -2.89 -26.80 -40.26
CA LEU A 592 -1.50 -26.51 -39.90
C LEU A 592 -0.66 -27.77 -39.81
N THR A 593 0.65 -27.58 -39.81
CA THR A 593 1.59 -28.68 -39.62
C THR A 593 2.44 -28.41 -38.38
N PHE A 594 2.31 -29.27 -37.38
CA PHE A 594 3.04 -29.10 -36.13
C PHE A 594 4.54 -29.26 -36.34
N VAL A 595 5.31 -28.31 -35.80
CA VAL A 595 6.76 -28.33 -35.92
C VAL A 595 7.40 -28.71 -34.59
N GLY A 596 7.09 -27.95 -33.55
CA GLY A 596 7.66 -28.20 -32.25
C GLY A 596 7.10 -27.29 -31.16
N VAL A 597 7.61 -27.50 -29.94
CA VAL A 597 7.17 -26.72 -28.78
C VAL A 597 8.35 -26.18 -28.00
N VAL A 598 8.36 -24.87 -27.76
CA VAL A 598 9.37 -24.25 -26.93
C VAL A 598 8.82 -24.03 -25.52
N GLY A 599 9.67 -24.20 -24.53
CA GLY A 599 9.28 -24.02 -23.14
C GLY A 599 10.21 -23.05 -22.44
N MET A 600 9.68 -21.87 -22.10
CA MET A 600 10.48 -20.85 -21.45
C MET A 600 10.11 -20.72 -19.98
N LEU A 601 10.97 -20.04 -19.22
CA LEU A 601 10.80 -19.94 -17.78
C LEU A 601 10.57 -18.50 -17.31
N ASP A 602 9.67 -18.34 -16.35
CA ASP A 602 9.48 -17.07 -15.67
C ASP A 602 10.00 -17.23 -14.25
N PRO A 603 11.32 -17.03 -14.06
CA PRO A 603 12.03 -17.40 -12.82
C PRO A 603 11.62 -16.56 -11.62
N PRO A 604 11.43 -17.21 -10.47
CA PRO A 604 11.11 -16.53 -9.21
C PRO A 604 12.27 -15.66 -8.75
N ARG A 605 11.98 -14.67 -7.89
CA ARG A 605 13.02 -13.84 -7.31
C ARG A 605 13.96 -14.68 -6.45
N LYS A 606 15.12 -14.14 -6.13
CA LYS A 606 16.09 -14.86 -5.30
C LYS A 606 15.63 -14.89 -3.85
N GLU A 607 14.92 -13.85 -3.43
CA GLU A 607 14.59 -13.67 -2.02
C GLU A 607 13.17 -14.12 -1.66
N VAL A 608 12.32 -14.32 -2.66
CA VAL A 608 10.92 -14.66 -2.40
C VAL A 608 10.76 -16.03 -1.74
N MET A 609 11.73 -16.92 -1.96
CA MET A 609 11.70 -18.23 -1.32
C MET A 609 11.68 -18.10 0.20
N GLY A 610 12.57 -17.27 0.73
CA GLY A 610 12.65 -17.04 2.16
C GLY A 610 11.52 -16.16 2.67
N SER A 611 11.16 -15.16 1.87
CA SER A 611 10.11 -14.21 2.24
C SER A 611 8.76 -14.90 2.38
N ILE A 612 8.49 -15.84 1.48
CA ILE A 612 7.28 -16.65 1.56
C ILE A 612 7.29 -17.45 2.85
N GLN A 613 8.42 -18.11 3.13
CA GLN A 613 8.59 -18.89 4.35
C GLN A 613 8.50 -17.99 5.58
N LEU A 614 8.91 -16.74 5.42
CA LEU A 614 8.83 -15.77 6.51
C LEU A 614 7.38 -15.50 6.88
N CYS A 615 6.53 -15.35 5.86
CA CYS A 615 5.11 -15.08 6.08
C CYS A 615 4.41 -16.31 6.68
N ARG A 616 4.96 -17.48 6.43
CA ARG A 616 4.43 -18.71 7.02
C ARG A 616 4.53 -18.64 8.53
N ASP A 617 5.70 -18.23 9.02
CA ASP A 617 5.94 -18.12 10.46
C ASP A 617 5.26 -16.89 11.04
N ALA A 618 5.09 -15.85 10.22
CA ALA A 618 4.49 -14.60 10.67
C ALA A 618 2.97 -14.71 10.75
N GLY A 619 2.42 -15.80 10.24
CA GLY A 619 0.99 -15.99 10.21
C GLY A 619 0.33 -15.16 9.13
N ILE A 620 1.11 -14.77 8.13
CA ILE A 620 0.62 -13.97 7.02
C ILE A 620 0.30 -14.84 5.82
N ARG A 621 -0.97 -14.88 5.43
CA ARG A 621 -1.40 -15.68 4.29
C ARG A 621 -1.03 -15.00 2.98
N VAL A 622 -0.29 -15.70 2.13
CA VAL A 622 0.11 -15.16 0.85
C VAL A 622 -0.73 -15.75 -0.28
N ILE A 623 -1.34 -14.87 -1.08
CA ILE A 623 -2.15 -15.31 -2.21
C ILE A 623 -1.56 -14.80 -3.51
N MET A 624 -1.23 -15.73 -4.40
CA MET A 624 -0.68 -15.36 -5.70
C MET A 624 -1.77 -15.17 -6.74
N ILE A 625 -1.63 -14.12 -7.55
CA ILE A 625 -2.55 -13.87 -8.65
C ILE A 625 -1.77 -13.84 -9.95
N THR A 626 -1.94 -14.88 -10.78
CA THR A 626 -1.16 -15.01 -11.99
C THR A 626 -2.02 -15.15 -13.25
N GLY A 627 -1.38 -15.06 -14.40
CA GLY A 627 -2.05 -15.20 -15.68
C GLY A 627 -1.79 -16.55 -16.32
N ASP A 628 -1.02 -17.39 -15.62
CA ASP A 628 -0.75 -18.74 -16.10
C ASP A 628 -2.01 -19.60 -16.01
N ASN A 629 -1.97 -20.77 -16.60
CA ASN A 629 -3.06 -21.73 -16.45
C ASN A 629 -3.02 -22.32 -15.04
N LYS A 630 -4.17 -22.75 -14.55
CA LYS A 630 -4.32 -23.27 -13.18
C LYS A 630 -3.24 -24.29 -12.83
N GLY A 631 -2.93 -25.17 -13.78
CA GLY A 631 -1.93 -26.20 -13.57
C GLY A 631 -0.55 -25.63 -13.25
N THR A 632 -0.07 -24.75 -14.12
CA THR A 632 1.24 -24.14 -13.93
C THR A 632 1.22 -23.20 -12.74
N ALA A 633 0.09 -22.53 -12.54
CA ALA A 633 -0.10 -21.64 -11.39
C ALA A 633 0.15 -22.37 -10.08
N ILE A 634 -0.42 -23.57 -9.97
CA ILE A 634 -0.23 -24.41 -8.79
C ILE A 634 1.22 -24.86 -8.64
N ALA A 635 1.83 -25.22 -9.77
CA ALA A 635 3.20 -25.70 -9.78
C ALA A 635 4.17 -24.61 -9.31
N ILE A 636 3.93 -23.37 -9.73
CA ILE A 636 4.75 -22.25 -9.31
C ILE A 636 4.56 -21.96 -7.81
N CYS A 637 3.35 -22.20 -7.32
CA CYS A 637 3.07 -22.06 -5.89
C CYS A 637 3.89 -23.05 -5.06
N ARG A 638 3.96 -24.29 -5.54
CA ARG A 638 4.77 -25.31 -4.89
C ARG A 638 6.25 -24.96 -4.98
N ARG A 639 6.64 -24.33 -6.08
CA ARG A 639 8.04 -24.00 -6.34
C ARG A 639 8.56 -22.90 -5.42
N ILE A 640 7.74 -21.90 -5.15
CA ILE A 640 8.17 -20.75 -4.35
C ILE A 640 7.88 -20.90 -2.86
N GLY A 641 7.04 -21.88 -2.51
CA GLY A 641 6.78 -22.18 -1.11
C GLY A 641 5.38 -21.90 -0.62
N ILE A 642 4.51 -21.39 -1.49
CA ILE A 642 3.11 -21.16 -1.13
C ILE A 642 2.44 -22.49 -0.78
N PHE A 643 2.70 -23.51 -1.59
CA PHE A 643 2.21 -24.85 -1.32
C PHE A 643 3.35 -25.79 -0.99
N GLY A 644 3.02 -26.91 -0.35
CA GLY A 644 4.00 -27.95 -0.09
C GLY A 644 4.30 -28.71 -1.36
N GLU A 645 5.42 -29.42 -1.39
CA GLU A 645 5.82 -30.17 -2.56
C GLU A 645 4.84 -31.30 -2.86
N ASN A 646 4.21 -31.82 -1.81
CA ASN A 646 3.26 -32.91 -1.96
C ASN A 646 2.04 -32.78 -1.06
N GLU A 647 1.40 -31.61 -1.08
CA GLU A 647 0.20 -31.40 -0.28
C GLU A 647 -1.03 -31.16 -1.16
N GLU A 648 -2.21 -31.42 -0.60
CA GLU A 648 -3.46 -31.31 -1.33
C GLU A 648 -3.95 -29.86 -1.39
N VAL A 649 -4.17 -29.37 -2.61
CA VAL A 649 -4.59 -27.99 -2.82
C VAL A 649 -5.66 -27.89 -3.91
N ALA A 650 -6.55 -28.87 -3.96
CA ALA A 650 -7.59 -28.91 -4.99
C ALA A 650 -8.69 -27.91 -4.73
N ASP A 651 -8.69 -27.31 -3.55
CA ASP A 651 -9.71 -26.34 -3.18
C ASP A 651 -9.10 -25.00 -2.81
N ARG A 652 -7.78 -24.92 -2.82
CA ARG A 652 -7.08 -23.71 -2.42
C ARG A 652 -6.62 -22.89 -3.63
N ALA A 653 -6.93 -23.39 -4.82
CA ALA A 653 -6.59 -22.68 -6.05
C ALA A 653 -7.77 -22.65 -7.01
N TYR A 654 -8.07 -21.46 -7.53
CA TYR A 654 -9.19 -21.27 -8.43
C TYR A 654 -8.81 -20.45 -9.65
N THR A 655 -9.36 -20.83 -10.81
CA THR A 655 -9.26 -20.01 -12.00
C THR A 655 -10.33 -18.93 -11.94
N GLY A 656 -10.22 -17.94 -12.83
CA GLY A 656 -11.21 -16.89 -12.89
C GLY A 656 -12.54 -17.46 -13.29
N ARG A 657 -12.51 -18.39 -14.25
CA ARG A 657 -13.71 -19.06 -14.72
C ARG A 657 -14.33 -19.88 -13.59
N GLU A 658 -13.48 -20.60 -12.86
CA GLU A 658 -13.94 -21.45 -11.77
C GLU A 658 -14.56 -20.62 -10.65
N PHE A 659 -13.89 -19.53 -10.28
CA PHE A 659 -14.34 -18.69 -9.17
C PHE A 659 -15.64 -17.96 -9.50
N ASP A 660 -15.87 -17.75 -10.79
CA ASP A 660 -17.07 -17.04 -11.23
C ASP A 660 -18.30 -17.95 -11.26
N ASP A 661 -18.08 -19.25 -11.44
CA ASP A 661 -19.17 -20.21 -11.48
C ASP A 661 -19.67 -20.56 -10.07
N LEU A 662 -18.90 -20.17 -9.06
CA LEU A 662 -19.31 -20.38 -7.68
C LEU A 662 -20.30 -19.30 -7.26
N PRO A 663 -21.34 -19.69 -6.50
CA PRO A 663 -22.28 -18.73 -5.94
C PRO A 663 -21.58 -17.79 -4.96
N LEU A 664 -22.24 -16.67 -4.65
CA LEU A 664 -21.64 -15.63 -3.81
C LEU A 664 -21.15 -16.17 -2.47
N ALA A 665 -21.92 -17.09 -1.89
CA ALA A 665 -21.57 -17.69 -0.61
C ALA A 665 -20.29 -18.52 -0.74
N GLU A 666 -20.24 -19.37 -1.76
CA GLU A 666 -19.08 -20.23 -1.98
C GLU A 666 -17.85 -19.43 -2.38
N GLN A 667 -18.07 -18.25 -2.97
CA GLN A 667 -16.97 -17.36 -3.31
C GLN A 667 -16.31 -16.81 -2.06
N ARG A 668 -17.13 -16.32 -1.13
CA ARG A 668 -16.63 -15.83 0.15
C ARG A 668 -15.95 -16.95 0.92
N GLU A 669 -16.57 -18.13 0.88
CA GLU A 669 -16.05 -19.30 1.56
C GLU A 669 -14.70 -19.74 0.97
N ALA A 670 -14.49 -19.42 -0.31
CA ALA A 670 -13.28 -19.81 -1.00
C ALA A 670 -12.12 -18.87 -0.69
N CYS A 671 -12.43 -17.61 -0.43
CA CYS A 671 -11.41 -16.58 -0.28
C CYS A 671 -10.65 -16.66 1.04
N ARG A 672 -11.12 -17.47 1.98
CA ARG A 672 -10.45 -17.62 3.25
C ARG A 672 -9.41 -18.74 3.21
N ARG A 673 -9.54 -19.60 2.21
CA ARG A 673 -8.63 -20.75 2.08
C ARG A 673 -7.87 -20.74 0.75
N ALA A 674 -8.18 -19.76 -0.10
CA ALA A 674 -7.52 -19.66 -1.40
C ALA A 674 -6.12 -19.05 -1.26
N CYS A 675 -5.17 -19.61 -2.00
CA CYS A 675 -3.81 -19.11 -1.99
C CYS A 675 -3.28 -18.91 -3.41
N CYS A 676 -4.09 -19.28 -4.39
CA CYS A 676 -3.68 -19.18 -5.79
C CYS A 676 -4.85 -18.86 -6.73
N PHE A 677 -4.72 -17.77 -7.46
CA PHE A 677 -5.72 -17.37 -8.43
C PHE A 677 -5.11 -17.19 -9.81
N ALA A 678 -5.58 -17.99 -10.76
CA ALA A 678 -5.07 -17.92 -12.14
C ALA A 678 -6.17 -17.43 -13.09
N ARG A 679 -5.77 -16.72 -14.14
CA ARG A 679 -6.69 -16.20 -15.14
C ARG A 679 -7.79 -15.37 -14.51
N VAL A 680 -7.40 -14.42 -13.68
CA VAL A 680 -8.35 -13.61 -12.90
C VAL A 680 -8.99 -12.51 -13.74
N GLU A 681 -10.31 -12.39 -13.63
CA GLU A 681 -11.05 -11.32 -14.30
C GLU A 681 -10.78 -9.98 -13.63
N PRO A 682 -10.86 -8.86 -14.39
CA PRO A 682 -10.49 -7.54 -13.87
C PRO A 682 -11.24 -7.13 -12.61
N SER A 683 -12.47 -7.61 -12.43
CA SER A 683 -13.29 -7.23 -11.30
C SER A 683 -13.08 -8.12 -10.09
N HIS A 684 -12.38 -9.23 -10.29
CA HIS A 684 -12.19 -10.22 -9.22
C HIS A 684 -11.28 -9.74 -8.11
N LYS A 685 -10.31 -8.90 -8.45
CA LYS A 685 -9.35 -8.39 -7.47
C LYS A 685 -10.03 -7.61 -6.34
N SER A 686 -11.05 -6.84 -6.69
CA SER A 686 -11.80 -6.06 -5.70
C SER A 686 -12.80 -6.96 -4.97
N LYS A 687 -13.34 -7.94 -5.68
CA LYS A 687 -14.23 -8.92 -5.06
C LYS A 687 -13.51 -9.69 -3.96
N ILE A 688 -12.27 -10.08 -4.25
CA ILE A 688 -11.45 -10.82 -3.30
C ILE A 688 -11.19 -9.98 -2.04
N VAL A 689 -10.89 -8.70 -2.23
CA VAL A 689 -10.66 -7.79 -1.13
C VAL A 689 -11.90 -7.68 -0.25
N GLU A 690 -13.06 -7.53 -0.90
CA GLU A 690 -14.33 -7.46 -0.19
C GLU A 690 -14.54 -8.70 0.67
N TYR A 691 -14.31 -9.86 0.07
CA TYR A 691 -14.47 -11.13 0.76
C TYR A 691 -13.46 -11.29 1.89
N LEU A 692 -12.25 -10.79 1.67
CA LEU A 692 -11.21 -10.88 2.69
C LEU A 692 -11.51 -9.95 3.86
N GLN A 693 -12.06 -8.78 3.55
CA GLN A 693 -12.44 -7.82 4.58
C GLN A 693 -13.66 -8.29 5.36
N SER A 694 -14.40 -9.25 4.80
CA SER A 694 -15.58 -9.79 5.46
C SER A 694 -15.20 -10.70 6.62
N TYR A 695 -13.94 -11.11 6.65
CA TYR A 695 -13.41 -11.91 7.75
C TYR A 695 -12.56 -11.04 8.67
N ASP A 696 -12.76 -9.73 8.60
CA ASP A 696 -11.98 -8.75 9.36
C ASP A 696 -10.48 -8.95 9.14
N GLU A 697 -10.12 -9.32 7.93
CA GLU A 697 -8.73 -9.62 7.59
C GLU A 697 -8.10 -8.45 6.84
N ILE A 698 -7.03 -7.90 7.40
CA ILE A 698 -6.34 -6.77 6.78
C ILE A 698 -5.56 -7.23 5.55
N THR A 699 -5.93 -6.69 4.39
CA THR A 699 -5.46 -7.19 3.11
C THR A 699 -4.46 -6.25 2.42
N ALA A 700 -3.36 -6.81 1.95
CA ALA A 700 -2.35 -6.07 1.21
C ALA A 700 -2.39 -6.45 -0.27
N MET A 701 -3.34 -5.87 -1.00
CA MET A 701 -3.50 -6.15 -2.42
C MET A 701 -2.48 -5.37 -3.24
N THR A 702 -2.00 -5.97 -4.33
CA THR A 702 -1.06 -5.31 -5.21
C THR A 702 -1.67 -5.05 -6.59
N GLY A 703 -1.10 -4.11 -7.33
CA GLY A 703 -1.59 -3.78 -8.65
C GLY A 703 -0.76 -2.66 -9.28
N ASP A 704 -0.96 -2.42 -10.58
CA ASP A 704 -0.16 -1.40 -11.27
C ASP A 704 -0.91 -0.77 -12.43
N GLY A 705 -2.24 -0.80 -12.42
CA GLY A 705 -3.02 -0.22 -13.48
C GLY A 705 -4.30 0.45 -13.01
N VAL A 706 -4.99 1.13 -13.92
CA VAL A 706 -6.28 1.76 -13.58
C VAL A 706 -7.32 0.68 -13.28
N ASN A 707 -7.17 -0.49 -13.88
CA ASN A 707 -8.03 -1.63 -13.57
C ASN A 707 -7.90 -2.05 -12.11
N ASP A 708 -6.68 -1.97 -11.59
CA ASP A 708 -6.41 -2.35 -10.21
C ASP A 708 -6.68 -1.21 -9.23
N ALA A 709 -6.91 -0.01 -9.76
CA ALA A 709 -7.11 1.18 -8.95
C ALA A 709 -8.25 1.07 -7.92
N PRO A 710 -9.42 0.53 -8.31
CA PRO A 710 -10.44 0.40 -7.27
C PRO A 710 -10.04 -0.58 -6.18
N ALA A 711 -9.34 -1.65 -6.57
CA ALA A 711 -8.91 -2.68 -5.63
C ALA A 711 -7.88 -2.14 -4.66
N LEU A 712 -6.96 -1.33 -5.17
CA LEU A 712 -5.92 -0.73 -4.33
C LEU A 712 -6.54 0.29 -3.38
N LYS A 713 -7.61 0.94 -3.82
CA LYS A 713 -8.33 1.91 -3.01
C LYS A 713 -9.11 1.20 -1.92
N LYS A 714 -9.63 0.01 -2.24
CA LYS A 714 -10.49 -0.72 -1.33
C LYS A 714 -9.70 -1.48 -0.27
N ALA A 715 -8.57 -2.04 -0.65
CA ALA A 715 -7.73 -2.81 0.26
C ALA A 715 -7.12 -1.91 1.33
N GLU A 716 -6.81 -2.50 2.49
CA GLU A 716 -6.19 -1.75 3.58
C GLU A 716 -4.84 -1.20 3.16
N ILE A 717 -4.01 -2.07 2.57
CA ILE A 717 -2.69 -1.67 2.08
C ILE A 717 -2.57 -1.88 0.58
N GLY A 718 -2.96 -0.87 -0.19
CA GLY A 718 -2.80 -0.90 -1.63
C GLY A 718 -1.34 -0.79 -2.00
N ILE A 719 -0.85 -1.72 -2.81
CA ILE A 719 0.56 -1.75 -3.17
C ILE A 719 0.78 -1.57 -4.68
N ALA A 720 1.46 -0.50 -5.05
CA ALA A 720 1.79 -0.24 -6.44
C ALA A 720 3.25 -0.55 -6.71
N MET A 721 3.63 -0.57 -7.98
CA MET A 721 5.00 -0.87 -8.36
C MET A 721 5.73 0.40 -8.79
N GLY A 722 7.06 0.38 -8.68
CA GLY A 722 7.87 1.53 -9.04
C GLY A 722 7.77 1.88 -10.51
N SER A 723 7.44 0.89 -11.32
CA SER A 723 7.29 1.09 -12.76
C SER A 723 5.83 1.19 -13.16
N GLY A 724 4.93 0.97 -12.21
CA GLY A 724 3.50 1.00 -12.47
C GLY A 724 3.03 2.37 -12.90
N THR A 725 1.81 2.43 -13.43
CA THR A 725 1.25 3.68 -13.91
C THR A 725 1.06 4.68 -12.78
N ALA A 726 0.92 5.95 -13.12
CA ALA A 726 0.82 7.02 -12.15
C ALA A 726 -0.41 6.88 -11.26
N VAL A 727 -1.54 6.57 -11.88
CA VAL A 727 -2.81 6.48 -11.15
C VAL A 727 -2.78 5.36 -10.12
N ALA A 728 -2.13 4.25 -10.46
CA ALA A 728 -2.00 3.13 -9.53
C ALA A 728 -1.23 3.54 -8.28
N LYS A 729 -0.25 4.42 -8.45
CA LYS A 729 0.54 4.90 -7.32
C LYS A 729 -0.27 5.84 -6.43
N THR A 730 -1.11 6.66 -7.05
CA THR A 730 -1.92 7.64 -6.32
C THR A 730 -3.07 6.96 -5.59
N ALA A 731 -3.37 5.72 -5.97
CA ALA A 731 -4.45 4.96 -5.36
C ALA A 731 -3.92 3.98 -4.32
N SER A 732 -2.60 3.87 -4.24
CA SER A 732 -1.97 2.92 -3.33
C SER A 732 -1.50 3.59 -2.04
N GLU A 733 -1.28 2.78 -1.00
CA GLU A 733 -0.74 3.26 0.26
C GLU A 733 0.78 3.10 0.28
N MET A 734 1.28 2.19 -0.55
CA MET A 734 2.71 1.89 -0.59
C MET A 734 3.18 1.60 -2.01
N VAL A 735 4.34 2.14 -2.36
CA VAL A 735 4.93 1.90 -3.68
C VAL A 735 6.29 1.21 -3.56
N LEU A 736 6.37 -0.03 -4.05
CA LEU A 736 7.63 -0.77 -4.04
C LEU A 736 8.62 -0.17 -5.04
N ALA A 737 9.80 0.20 -4.54
CA ALA A 737 10.80 0.83 -5.39
C ALA A 737 11.45 -0.18 -6.33
N ASP A 738 11.65 -1.40 -5.85
CA ASP A 738 12.33 -2.43 -6.63
C ASP A 738 11.38 -3.51 -7.13
N ASP A 739 10.08 -3.26 -6.98
CA ASP A 739 9.04 -4.16 -7.49
C ASP A 739 9.15 -5.58 -6.94
N ASN A 740 9.64 -5.71 -5.71
CA ASN A 740 9.87 -7.01 -5.11
C ASN A 740 8.80 -7.39 -4.09
N PHE A 741 8.50 -8.68 -4.01
CA PHE A 741 7.55 -9.18 -3.02
C PHE A 741 8.19 -9.20 -1.64
N SER A 742 9.51 -9.31 -1.61
CA SER A 742 10.26 -9.35 -0.36
C SER A 742 10.16 -8.04 0.39
N THR A 743 10.07 -6.94 -0.36
CA THR A 743 10.03 -5.61 0.24
C THR A 743 8.63 -5.28 0.76
N ILE A 744 7.66 -6.14 0.44
CA ILE A 744 6.36 -6.06 1.08
C ILE A 744 6.45 -6.69 2.46
N VAL A 745 7.08 -7.87 2.51
CA VAL A 745 7.27 -8.59 3.77
C VAL A 745 8.23 -7.84 4.69
N ALA A 746 9.27 -7.27 4.11
CA ALA A 746 10.27 -6.52 4.87
C ALA A 746 9.65 -5.27 5.50
N ALA A 747 8.70 -4.67 4.80
CA ALA A 747 8.02 -3.47 5.28
C ALA A 747 7.06 -3.82 6.42
N VAL A 748 6.40 -4.97 6.30
CA VAL A 748 5.45 -5.42 7.32
C VAL A 748 6.16 -5.69 8.65
N GLU A 749 7.34 -6.30 8.57
CA GLU A 749 8.14 -6.58 9.77
C GLU A 749 8.55 -5.28 10.44
N GLU A 750 8.92 -4.29 9.64
CA GLU A 750 9.27 -2.97 10.15
C GLU A 750 8.05 -2.32 10.81
N GLY A 751 6.91 -2.44 10.14
CA GLY A 751 5.67 -1.87 10.66
C GLY A 751 5.19 -2.51 11.95
N ARG A 752 5.49 -3.78 12.13
CA ARG A 752 5.11 -4.48 13.35
C ARG A 752 6.00 -4.07 14.52
N ALA A 753 7.29 -3.88 14.23
CA ALA A 753 8.24 -3.44 15.25
C ALA A 753 7.92 -2.02 15.68
N ILE A 754 7.49 -1.20 14.73
CA ILE A 754 7.13 0.19 15.00
C ILE A 754 5.89 0.25 15.90
N TYR A 755 4.90 -0.57 15.60
CA TYR A 755 3.66 -0.59 16.37
C TYR A 755 3.87 -1.07 17.80
N ASN A 756 4.85 -1.96 17.99
CA ASN A 756 5.18 -2.43 19.33
C ASN A 756 5.83 -1.34 20.17
N ASN A 757 6.82 -0.67 19.59
CA ASN A 757 7.48 0.45 20.26
C ASN A 757 6.54 1.64 20.42
N MET A 758 5.55 1.73 19.55
CA MET A 758 4.58 2.82 19.59
C MET A 758 3.65 2.65 20.79
N LYS A 759 3.11 1.44 20.94
CA LYS A 759 2.21 1.13 22.05
C LYS A 759 2.92 1.25 23.39
N GLN A 760 4.24 1.15 23.37
CA GLN A 760 5.03 1.18 24.59
C GLN A 760 5.10 2.58 25.20
N PHE A 761 5.41 3.58 24.37
CA PHE A 761 5.53 4.95 24.90
C PHE A 761 4.16 5.58 25.10
N ILE A 762 3.15 5.05 24.43
CA ILE A 762 1.78 5.51 24.65
C ILE A 762 1.35 5.19 26.07
N ARG A 763 1.65 3.98 26.52
CA ARG A 763 1.38 3.58 27.90
C ARG A 763 2.30 4.32 28.87
N TYR A 764 3.46 4.73 28.38
CA TYR A 764 4.43 5.46 29.19
C TYR A 764 3.93 6.87 29.53
N LEU A 765 3.35 7.55 28.53
CA LEU A 765 2.81 8.88 28.73
C LEU A 765 1.52 8.83 29.55
N ILE A 766 0.70 7.82 29.27
CA ILE A 766 -0.54 7.61 30.03
C ILE A 766 -0.24 7.39 31.50
N SER A 767 0.81 6.64 31.80
CA SER A 767 1.23 6.37 33.17
C SER A 767 1.55 7.66 33.92
N SER A 768 2.13 8.63 33.22
CA SER A 768 2.45 9.93 33.82
C SER A 768 1.17 10.73 34.06
N ASN A 769 0.27 10.68 33.08
CA ASN A 769 -0.98 11.43 33.16
C ASN A 769 -1.92 10.90 34.24
N VAL A 770 -1.94 9.58 34.40
CA VAL A 770 -2.73 8.96 35.46
C VAL A 770 -2.20 9.41 36.82
N GLY A 771 -0.89 9.54 36.92
CA GLY A 771 -0.25 9.99 38.15
C GLY A 771 -0.55 11.43 38.50
N GLU A 772 -0.62 12.29 37.48
CA GLU A 772 -0.93 13.69 37.68
C GLU A 772 -2.38 13.88 38.07
N VAL A 773 -3.20 12.87 37.82
CA VAL A 773 -4.58 12.88 38.27
C VAL A 773 -4.64 12.58 39.76
N VAL A 774 -3.98 11.50 40.17
CA VAL A 774 -3.92 11.11 41.57
C VAL A 774 -3.28 12.20 42.42
N CYS A 775 -2.23 12.81 41.89
CA CYS A 775 -1.52 13.87 42.59
C CYS A 775 -2.43 15.07 42.85
N ILE A 776 -3.13 15.52 41.83
CA ILE A 776 -4.04 16.65 41.95
C ILE A 776 -5.28 16.26 42.76
N PHE A 777 -5.75 15.03 42.59
CA PHE A 777 -6.93 14.57 43.32
C PHE A 777 -6.66 14.47 44.82
N LEU A 778 -5.47 13.98 45.18
CA LEU A 778 -5.10 13.86 46.59
C LEU A 778 -4.83 15.22 47.23
N THR A 779 -4.28 16.14 46.44
CA THR A 779 -3.93 17.46 46.97
C THR A 779 -5.13 18.41 46.97
N ALA A 780 -6.26 17.94 46.44
CA ALA A 780 -7.46 18.75 46.39
C ALA A 780 -8.54 18.22 47.33
N ALA A 781 -8.68 16.90 47.38
CA ALA A 781 -9.68 16.26 48.22
C ALA A 781 -9.31 16.39 49.70
N LEU A 782 -8.05 16.18 50.01
CA LEU A 782 -7.57 16.26 51.39
C LEU A 782 -7.49 17.71 51.86
N GLY A 783 -7.42 18.64 50.92
CA GLY A 783 -7.36 20.06 51.26
C GLY A 783 -5.94 20.55 51.41
N LEU A 784 -4.97 19.71 51.04
CA LEU A 784 -3.56 20.06 51.10
C LEU A 784 -3.24 21.22 50.15
N PRO A 785 -2.14 21.95 50.43
CA PRO A 785 -1.68 22.97 49.48
C PRO A 785 -1.27 22.34 48.15
N GLU A 786 -1.40 23.10 47.06
CA GLU A 786 -1.15 22.59 45.73
C GLU A 786 0.28 22.06 45.57
N ALA A 787 0.40 20.92 44.91
CA ALA A 787 1.70 20.27 44.73
C ALA A 787 2.23 20.52 43.32
N LEU A 788 1.34 20.51 42.33
CA LEU A 788 1.73 20.71 40.95
C LEU A 788 0.85 21.74 40.24
N ILE A 789 1.50 22.68 39.55
CA ILE A 789 0.82 23.72 38.81
C ILE A 789 0.59 23.29 37.36
N PRO A 790 -0.62 23.52 36.83
CA PRO A 790 -0.96 23.17 35.44
C PRO A 790 0.02 23.71 34.40
N VAL A 791 0.66 24.84 34.69
CA VAL A 791 1.66 25.40 33.78
C VAL A 791 2.90 24.51 33.75
N GLN A 792 3.15 23.83 34.86
CA GLN A 792 4.27 22.90 34.96
C GLN A 792 3.94 21.59 34.27
N LEU A 793 2.73 21.09 34.49
CA LEU A 793 2.30 19.81 33.91
C LEU A 793 2.37 19.79 32.39
N LEU A 794 2.19 20.97 31.79
CA LEU A 794 2.32 21.10 30.34
C LEU A 794 3.73 20.76 29.89
N TRP A 795 4.71 21.43 30.50
CA TRP A 795 6.12 21.24 30.14
C TRP A 795 6.63 19.88 30.58
N VAL A 796 5.90 19.23 31.48
CA VAL A 796 6.26 17.89 31.94
C VAL A 796 5.87 16.84 30.90
N ASN A 797 4.62 16.88 30.46
CA ASN A 797 4.12 15.90 29.49
C ASN A 797 4.61 16.16 28.07
N LEU A 798 4.88 17.43 27.76
CA LEU A 798 5.32 17.81 26.42
C LEU A 798 6.82 17.63 26.21
N VAL A 799 7.59 17.85 27.27
CA VAL A 799 9.05 17.84 27.13
C VAL A 799 9.72 16.75 27.97
N THR A 800 9.49 16.76 29.28
CA THR A 800 10.16 15.82 30.18
C THR A 800 9.76 14.38 29.91
N ASP A 801 8.52 14.19 29.44
CA ASP A 801 8.03 12.85 29.12
C ASP A 801 8.03 12.62 27.62
N GLY A 802 8.05 13.69 26.84
CA GLY A 802 8.01 13.61 25.40
C GLY A 802 9.30 13.11 24.77
N LEU A 803 10.43 13.64 25.23
CA LEU A 803 11.72 13.25 24.69
C LEU A 803 12.08 11.78 24.94
N PRO A 804 11.90 11.26 26.17
CA PRO A 804 12.21 9.85 26.33
C PRO A 804 11.22 8.92 25.62
N ALA A 805 9.99 9.39 25.43
CA ALA A 805 8.98 8.61 24.73
C ALA A 805 9.31 8.49 23.26
N THR A 806 9.87 9.56 22.70
CA THR A 806 10.31 9.56 21.30
C THR A 806 11.51 8.63 21.15
N ALA A 807 12.34 8.57 22.19
CA ALA A 807 13.50 7.69 22.21
C ALA A 807 13.08 6.23 22.35
N LEU A 808 11.87 6.01 22.85
CA LEU A 808 11.34 4.65 22.97
C LEU A 808 10.92 4.10 21.62
N GLY A 809 10.87 4.97 20.61
CA GLY A 809 10.60 4.56 19.25
C GLY A 809 11.80 3.87 18.64
N PHE A 810 12.97 4.14 19.19
CA PHE A 810 14.21 3.51 18.73
C PHE A 810 14.54 2.28 19.56
N ASN A 811 13.57 1.79 20.32
CA ASN A 811 13.75 0.57 21.10
C ASN A 811 14.00 -0.62 20.19
N PRO A 812 15.02 -1.44 20.52
CA PRO A 812 15.43 -2.60 19.73
C PRO A 812 14.26 -3.54 19.44
N PRO A 813 14.09 -3.93 18.17
CA PRO A 813 13.02 -4.83 17.75
C PRO A 813 13.12 -6.18 18.46
N ASP A 814 12.10 -6.51 19.25
CA ASP A 814 12.05 -7.78 19.95
C ASP A 814 12.18 -8.94 18.98
N LEU A 815 13.24 -9.73 19.13
CA LEU A 815 13.45 -10.88 18.26
C LEU A 815 12.32 -11.90 18.41
N ASP A 816 12.20 -12.78 17.44
CA ASP A 816 11.08 -13.72 17.35
C ASP A 816 9.75 -12.99 17.33
N ILE A 817 9.71 -11.87 16.61
CA ILE A 817 8.49 -11.10 16.44
C ILE A 817 7.77 -11.55 15.18
N MET A 818 8.52 -12.18 14.29
CA MET A 818 7.95 -12.74 13.07
C MET A 818 7.52 -14.18 13.28
N ASP A 819 7.48 -14.60 14.54
CA ASP A 819 7.00 -15.92 14.89
C ASP A 819 5.65 -15.81 15.58
N ARG A 820 5.07 -14.61 15.55
CA ARG A 820 3.76 -14.36 16.14
C ARG A 820 2.74 -13.95 15.08
N PRO A 821 1.48 -14.38 15.26
CA PRO A 821 0.38 -14.00 14.38
C PRO A 821 0.15 -12.49 14.34
N PRO A 822 -0.52 -12.00 13.29
CA PRO A 822 -0.77 -10.56 13.12
C PRO A 822 -1.50 -9.93 14.29
N ARG A 823 -1.16 -8.68 14.61
CA ARG A 823 -1.84 -7.93 15.65
C ARG A 823 -3.30 -7.74 15.28
N SER A 824 -4.20 -8.18 16.17
CA SER A 824 -5.64 -8.08 15.93
C SER A 824 -6.08 -6.63 15.77
N PRO A 825 -7.00 -6.37 14.83
CA PRO A 825 -7.54 -5.03 14.57
C PRO A 825 -8.17 -4.39 15.80
N LYS A 826 -9.19 -5.03 16.35
CA LYS A 826 -9.86 -4.52 17.54
C LYS A 826 -9.19 -5.02 18.82
N GLU A 827 -7.87 -4.87 18.88
CA GLU A 827 -7.10 -5.22 20.08
C GLU A 827 -6.93 -4.00 20.97
N PRO A 828 -7.36 -4.10 22.23
CA PRO A 828 -7.31 -2.98 23.18
C PRO A 828 -5.89 -2.54 23.50
N LEU A 829 -5.67 -1.24 23.56
CA LEU A 829 -4.36 -0.69 23.92
C LEU A 829 -3.97 -1.10 25.33
N ILE A 830 -4.84 -0.81 26.29
CA ILE A 830 -4.62 -1.14 27.69
C ILE A 830 -5.84 -1.83 28.28
N SER A 831 -5.67 -3.06 28.75
CA SER A 831 -6.77 -3.82 29.33
C SER A 831 -6.30 -4.94 30.23
N GLY A 832 -7.11 -5.25 31.24
CA GLY A 832 -6.80 -6.33 32.17
C GLY A 832 -5.64 -6.02 33.10
N TRP A 833 -4.62 -6.87 33.05
CA TRP A 833 -3.43 -6.68 33.88
C TRP A 833 -2.69 -5.41 33.48
N LEU A 834 -2.75 -5.06 32.19
CA LEU A 834 -2.09 -3.89 31.67
C LEU A 834 -2.68 -2.61 32.26
N PHE A 835 -3.96 -2.66 32.59
CA PHE A 835 -4.62 -1.54 33.24
C PHE A 835 -4.17 -1.42 34.68
N PHE A 836 -4.24 -2.53 35.41
CA PHE A 836 -3.84 -2.58 36.82
C PHE A 836 -2.37 -2.25 36.99
N ARG A 837 -1.55 -2.57 35.99
CA ARG A 837 -0.12 -2.33 36.06
C ARG A 837 0.17 -0.83 36.06
N TYR A 838 -0.41 -0.12 35.09
CA TYR A 838 -0.20 1.32 34.99
C TYR A 838 -1.14 2.09 35.90
N MET A 839 -2.05 1.37 36.56
CA MET A 839 -2.91 1.97 37.56
C MET A 839 -2.15 2.08 38.89
N ALA A 840 -1.33 1.07 39.16
CA ALA A 840 -0.53 1.03 40.37
C ALA A 840 0.63 2.02 40.28
N ILE A 841 1.21 2.13 39.09
CA ILE A 841 2.30 3.08 38.87
C ILE A 841 1.78 4.51 38.98
N GLY A 842 0.63 4.76 38.35
CA GLY A 842 0.00 6.08 38.41
C GLY A 842 -0.42 6.45 39.82
N GLY A 843 -0.86 5.46 40.59
CA GLY A 843 -1.28 5.68 41.95
C GLY A 843 -0.12 5.97 42.89
N TYR A 844 1.00 5.28 42.65
CA TYR A 844 2.19 5.43 43.49
C TYR A 844 2.83 6.80 43.32
N VAL A 845 2.98 7.23 42.07
CA VAL A 845 3.63 8.50 41.78
C VAL A 845 2.73 9.68 42.18
N GLY A 846 1.45 9.40 42.35
CA GLY A 846 0.51 10.41 42.85
C GLY A 846 0.71 10.62 44.33
N ALA A 847 1.20 9.58 45.00
CA ALA A 847 1.49 9.65 46.43
C ALA A 847 2.93 10.11 46.66
N ALA A 848 3.79 9.86 45.68
CA ALA A 848 5.20 10.24 45.78
C ALA A 848 5.37 11.74 45.64
N THR A 849 4.59 12.36 44.75
CA THR A 849 4.65 13.80 44.54
C THR A 849 4.04 14.56 45.71
N VAL A 850 2.86 14.13 46.15
CA VAL A 850 2.19 14.73 47.29
C VAL A 850 3.02 14.53 48.56
N GLY A 851 3.56 13.32 48.72
CA GLY A 851 4.40 12.99 49.85
C GLY A 851 5.69 13.78 49.88
N ALA A 852 6.17 14.17 48.70
CA ALA A 852 7.38 14.96 48.59
C ALA A 852 7.15 16.37 49.11
N ALA A 853 6.04 16.97 48.69
CA ALA A 853 5.65 18.30 49.17
C ALA A 853 5.29 18.24 50.65
N ALA A 854 4.74 17.10 51.06
CA ALA A 854 4.37 16.89 52.46
C ALA A 854 5.61 16.72 53.33
N TRP A 855 6.68 16.18 52.75
CA TRP A 855 7.92 15.98 53.47
C TRP A 855 8.59 17.30 53.84
N TRP A 856 8.62 18.23 52.88
CA TRP A 856 9.22 19.54 53.10
C TRP A 856 8.37 20.39 54.06
N PHE A 857 7.09 20.06 54.15
CA PHE A 857 6.15 20.81 54.99
C PHE A 857 6.15 20.32 56.42
N MET A 858 6.62 19.09 56.64
CA MET A 858 6.59 18.48 57.97
C MET A 858 7.95 18.00 58.45
N TYR A 859 8.42 16.88 57.92
CA TYR A 859 9.67 16.27 58.38
C TYR A 859 10.85 16.64 57.48
N ALA A 860 11.27 17.89 57.56
CA ALA A 860 12.31 18.40 56.67
C ALA A 860 13.43 19.11 57.41
N GLU A 861 14.42 19.56 56.65
CA GLU A 861 15.55 20.29 57.19
C GLU A 861 15.29 21.79 57.16
N ASP A 862 15.21 22.35 55.95
CA ASP A 862 14.93 23.77 55.78
C ASP A 862 13.46 24.06 56.03
N GLY A 863 12.63 23.02 55.93
CA GLY A 863 11.20 23.15 56.15
C GLY A 863 10.85 23.31 57.62
N PRO A 864 9.74 24.01 57.90
CA PRO A 864 9.27 24.25 59.27
C PRO A 864 8.71 23.00 59.94
N GLY A 865 8.78 22.95 61.27
CA GLY A 865 8.25 21.83 62.02
C GLY A 865 6.73 21.92 62.15
N VAL A 866 6.04 21.35 61.18
CA VAL A 866 4.57 21.40 61.12
C VAL A 866 4.00 19.99 61.18
N THR A 867 2.72 19.87 61.52
CA THR A 867 2.04 18.58 61.53
C THR A 867 1.02 18.49 60.40
N TYR A 868 0.52 17.28 60.17
CA TYR A 868 -0.39 17.02 59.05
C TYR A 868 -1.78 17.62 59.24
N HIS A 869 -2.28 17.57 60.47
CA HIS A 869 -3.65 17.99 60.75
C HIS A 869 -3.85 19.50 60.57
N GLN A 870 -2.75 20.24 60.63
CA GLN A 870 -2.82 21.70 60.48
C GLN A 870 -2.35 22.14 59.10
N LEU A 871 -1.71 21.24 58.37
CA LEU A 871 -1.27 21.51 57.01
C LEU A 871 -2.46 21.54 56.06
N THR A 872 -3.46 20.73 56.37
CA THR A 872 -4.68 20.66 55.57
C THR A 872 -5.56 21.88 55.79
N HIS A 873 -5.23 22.66 56.81
CA HIS A 873 -5.98 23.87 57.14
C HIS A 873 -5.15 25.12 56.89
N PHE A 874 -4.43 25.15 55.78
CA PHE A 874 -3.55 26.26 55.44
C PHE A 874 -4.36 27.48 55.00
N MET A 875 -5.64 27.27 54.71
CA MET A 875 -6.51 28.35 54.25
C MET A 875 -7.04 29.16 55.42
N GLN A 876 -6.60 28.82 56.63
CA GLN A 876 -7.06 29.50 57.83
C GLN A 876 -5.89 30.10 58.61
N CYS A 877 -4.79 30.38 57.91
CA CYS A 877 -3.60 30.94 58.53
C CYS A 877 -3.82 32.38 58.97
N THR A 878 -4.59 33.13 58.19
CA THR A 878 -4.87 34.52 58.50
C THR A 878 -5.99 34.63 59.54
N GLU A 879 -6.87 33.64 59.54
CA GLU A 879 -8.00 33.61 60.48
C GLU A 879 -7.56 33.04 61.83
N ASP A 880 -7.38 31.73 61.88
CA ASP A 880 -6.96 31.06 63.11
C ASP A 880 -5.48 31.31 63.36
N HIS A 881 -5.17 32.42 64.01
CA HIS A 881 -3.79 32.80 64.28
C HIS A 881 -3.07 31.95 65.36
N PRO A 882 -3.72 31.66 66.49
CA PRO A 882 -2.97 30.93 67.53
C PRO A 882 -2.56 29.51 67.13
N HIS A 883 -3.43 28.79 66.42
CA HIS A 883 -3.15 27.42 66.03
C HIS A 883 -2.04 27.35 64.98
N PHE A 884 -1.98 28.34 64.11
CA PHE A 884 -0.94 28.39 63.09
C PHE A 884 0.02 29.56 63.34
N GLU A 885 1.17 29.25 63.92
CA GLU A 885 2.17 30.28 64.21
C GLU A 885 3.59 29.74 64.06
N GLY A 886 4.42 30.50 63.36
CA GLY A 886 5.80 30.12 63.11
C GLY A 886 6.49 31.14 62.22
N LEU A 887 5.84 31.47 61.12
CA LEU A 887 6.32 32.48 60.18
C LEU A 887 5.15 33.06 59.39
N ASP A 888 5.46 33.68 58.26
CA ASP A 888 4.44 34.29 57.41
C ASP A 888 3.55 33.20 56.78
N CYS A 889 2.36 33.59 56.37
CA CYS A 889 1.42 32.66 55.73
C CYS A 889 1.83 32.35 54.29
N GLU A 890 2.86 33.04 53.82
CA GLU A 890 3.36 32.84 52.46
C GLU A 890 4.13 31.53 52.36
N ILE A 891 4.51 30.98 53.50
CA ILE A 891 5.31 29.75 53.55
C ILE A 891 4.50 28.54 53.11
N PHE A 892 3.18 28.66 53.10
CA PHE A 892 2.32 27.60 52.62
C PHE A 892 2.28 27.58 51.10
N GLU A 893 2.62 28.72 50.49
CA GLU A 893 2.69 28.82 49.03
C GLU A 893 4.14 28.96 48.59
N ALA A 894 5.02 28.19 49.24
CA ALA A 894 6.45 28.23 48.94
C ALA A 894 6.76 27.47 47.64
N PRO A 895 7.82 27.89 46.93
CA PRO A 895 8.22 27.21 45.70
C PRO A 895 9.00 25.92 45.95
N GLU A 896 9.48 25.72 47.17
CA GLU A 896 10.24 24.52 47.51
C GLU A 896 9.41 23.22 47.48
N PRO A 897 8.23 23.19 48.13
CA PRO A 897 7.48 21.93 48.10
C PRO A 897 6.96 21.58 46.71
N MET A 898 6.70 22.59 45.89
CA MET A 898 6.27 22.35 44.51
C MET A 898 7.44 21.85 43.67
N THR A 899 8.64 22.26 44.04
CA THR A 899 9.85 21.80 43.37
C THR A 899 10.12 20.34 43.75
N MET A 900 9.74 19.97 44.97
CA MET A 900 9.85 18.59 45.43
C MET A 900 8.99 17.66 44.59
N ALA A 901 7.71 17.98 44.49
CA ALA A 901 6.75 17.16 43.74
C ALA A 901 7.09 17.11 42.25
N LEU A 902 7.74 18.16 41.76
CA LEU A 902 8.09 18.26 40.35
C LEU A 902 9.34 17.44 40.04
N SER A 903 10.34 17.55 40.90
CA SER A 903 11.59 16.80 40.73
C SER A 903 11.37 15.31 40.91
N VAL A 904 10.49 14.95 41.84
CA VAL A 904 10.17 13.56 42.10
C VAL A 904 9.43 12.95 40.92
N LEU A 905 8.45 13.67 40.39
CA LEU A 905 7.68 13.21 39.24
C LEU A 905 8.58 12.97 38.03
N VAL A 906 9.50 13.89 37.79
CA VAL A 906 10.44 13.78 36.69
C VAL A 906 11.39 12.60 36.88
N THR A 907 11.94 12.47 38.09
CA THR A 907 12.89 11.41 38.40
C THR A 907 12.27 10.03 38.22
N ILE A 908 11.01 9.89 38.62
CA ILE A 908 10.30 8.63 38.45
C ILE A 908 10.07 8.32 36.98
N GLU A 909 9.63 9.32 36.22
CA GLU A 909 9.35 9.15 34.80
C GLU A 909 10.58 8.73 34.01
N MET A 910 11.76 9.12 34.49
CA MET A 910 13.01 8.69 33.88
C MET A 910 13.24 7.21 34.16
N CYS A 911 12.85 6.78 35.36
CA CYS A 911 12.93 5.37 35.73
C CYS A 911 11.84 4.57 35.01
N ASN A 912 10.71 5.22 34.79
CA ASN A 912 9.59 4.58 34.10
C ASN A 912 9.88 4.41 32.61
N ALA A 913 10.74 5.28 32.08
CA ALA A 913 11.19 5.17 30.70
C ALA A 913 12.11 3.96 30.55
N LEU A 914 12.88 3.68 31.60
CA LEU A 914 13.73 2.51 31.63
C LEU A 914 12.88 1.25 31.76
N ASN A 915 11.75 1.39 32.45
CA ASN A 915 10.79 0.31 32.60
C ASN A 915 10.05 0.06 31.30
N SER A 916 10.11 1.03 30.39
CA SER A 916 9.44 0.92 29.10
C SER A 916 10.40 0.44 28.01
N LEU A 917 11.52 -0.13 28.42
CA LEU A 917 12.44 -0.77 27.48
C LEU A 917 11.89 -2.13 27.07
N SER A 918 10.97 -2.64 27.88
CA SER A 918 10.28 -3.88 27.60
C SER A 918 8.97 -3.92 28.38
N GLU A 919 8.00 -4.68 27.88
CA GLU A 919 6.70 -4.76 28.52
C GLU A 919 6.73 -5.69 29.73
N ASN A 920 7.47 -6.79 29.60
CA ASN A 920 7.51 -7.80 30.66
C ASN A 920 8.93 -8.20 31.06
N GLN A 921 9.87 -8.11 30.13
CA GLN A 921 11.26 -8.46 30.44
C GLN A 921 11.85 -7.51 31.48
N SER A 922 12.38 -8.09 32.55
CA SER A 922 12.91 -7.33 33.66
C SER A 922 14.13 -6.50 33.27
N LEU A 923 14.54 -5.60 34.15
CA LEU A 923 15.70 -4.75 33.93
C LEU A 923 16.99 -5.54 34.10
N MET A 924 16.88 -6.72 34.72
CA MET A 924 18.00 -7.63 34.85
C MET A 924 18.20 -8.39 33.55
N ARG A 925 17.10 -8.72 32.89
CA ARG A 925 17.12 -9.39 31.60
C ARG A 925 17.45 -8.40 30.50
N MET A 926 16.73 -7.28 30.49
CA MET A 926 16.96 -6.21 29.54
C MET A 926 17.78 -5.08 30.18
N PRO A 927 19.06 -4.97 29.81
CA PRO A 927 19.94 -3.93 30.35
C PRO A 927 19.41 -2.53 30.08
N PRO A 928 19.39 -1.67 31.12
CA PRO A 928 18.91 -0.29 31.00
C PRO A 928 19.83 0.61 30.17
N TRP A 929 20.89 0.04 29.61
CA TRP A 929 21.83 0.81 28.81
C TRP A 929 21.83 0.38 27.35
N VAL A 930 20.86 -0.45 26.97
CA VAL A 930 20.76 -0.93 25.59
C VAL A 930 20.37 0.20 24.64
N ASN A 931 19.22 0.81 24.89
CA ASN A 931 18.77 1.93 24.06
C ASN A 931 19.57 3.19 24.37
N ILE A 932 20.57 3.46 23.52
CA ILE A 932 21.44 4.62 23.71
C ILE A 932 20.67 5.92 23.58
N TRP A 933 19.68 5.94 22.69
CA TRP A 933 18.88 7.13 22.46
C TRP A 933 18.02 7.48 23.67
N LEU A 934 17.69 6.48 24.48
CA LEU A 934 16.91 6.71 25.69
C LEU A 934 17.77 7.40 26.74
N LEU A 935 18.97 6.86 26.97
CA LEU A 935 19.91 7.44 27.92
C LEU A 935 20.29 8.85 27.52
N GLY A 936 20.42 9.07 26.22
CA GLY A 936 20.73 10.39 25.69
C GLY A 936 19.59 11.35 25.90
N SER A 937 18.37 10.82 25.90
CA SER A 937 17.17 11.63 26.12
C SER A 937 16.97 11.93 27.60
N ILE A 938 17.24 10.93 28.43
CA ILE A 938 17.12 11.09 29.88
C ILE A 938 18.10 12.14 30.40
N CYS A 939 19.32 12.09 29.88
CA CYS A 939 20.35 13.06 30.25
C CYS A 939 19.99 14.46 29.77
N LEU A 940 19.20 14.53 28.70
CA LEU A 940 18.74 15.82 28.18
C LEU A 940 17.57 16.34 29.01
N SER A 941 16.79 15.42 29.56
CA SER A 941 15.65 15.79 30.39
C SER A 941 16.09 16.44 31.70
N MET A 942 17.06 15.81 32.37
CA MET A 942 17.57 16.33 33.63
C MET A 942 18.41 17.59 33.39
N SER A 943 18.96 17.72 32.19
CA SER A 943 19.74 18.90 31.83
C SER A 943 18.83 20.11 31.66
N LEU A 944 17.64 19.87 31.14
CA LEU A 944 16.64 20.92 30.99
C LEU A 944 15.91 21.15 32.30
N HIS A 945 15.88 20.11 33.14
CA HIS A 945 15.28 20.19 34.47
C HIS A 945 16.12 21.07 35.38
N PHE A 946 17.43 21.09 35.13
CA PHE A 946 18.34 21.95 35.87
C PHE A 946 18.42 23.33 35.22
N LEU A 947 18.17 23.37 33.92
CA LEU A 947 18.22 24.62 33.17
C LEU A 947 17.09 25.56 33.60
N ILE A 948 15.96 24.98 34.02
CA ILE A 948 14.81 25.75 34.45
C ILE A 948 14.85 26.03 35.96
N LEU A 949 15.96 25.70 36.59
CA LEU A 949 16.13 25.94 38.02
C LEU A 949 17.35 26.82 38.31
N TYR A 950 18.15 27.07 37.27
CA TYR A 950 19.36 27.86 37.42
C TYR A 950 19.25 29.21 36.72
N VAL A 951 19.01 29.17 35.41
CA VAL A 951 18.87 30.39 34.61
C VAL A 951 17.64 31.18 35.04
N ASP A 952 17.88 32.24 35.81
CA ASP A 952 16.84 33.00 36.51
C ASP A 952 15.53 33.33 35.75
N PRO A 953 15.61 33.64 34.44
CA PRO A 953 14.33 33.90 33.76
C PRO A 953 13.40 32.68 33.64
N LEU A 954 13.80 31.53 34.16
CA LEU A 954 13.00 30.31 34.04
C LEU A 954 12.30 29.85 35.34
N PRO A 955 13.03 29.75 36.47
CA PRO A 955 12.33 29.22 37.65
C PRO A 955 11.28 30.16 38.22
N MET A 956 11.35 31.43 37.85
CA MET A 956 10.35 32.40 38.29
C MET A 956 9.04 32.19 37.55
N ILE A 957 9.13 31.74 36.31
CA ILE A 957 7.95 31.49 35.49
C ILE A 957 7.30 30.16 35.85
N PHE A 958 8.13 29.16 36.15
CA PHE A 958 7.64 27.84 36.53
C PHE A 958 7.28 27.77 38.00
N LYS A 959 7.48 28.89 38.71
CA LYS A 959 7.24 28.96 40.15
C LYS A 959 7.98 27.87 40.91
N LEU A 960 9.30 27.84 40.74
CA LEU A 960 10.12 26.82 41.37
C LEU A 960 11.34 27.43 42.05
N LYS A 961 12.02 26.62 42.87
CA LYS A 961 13.21 27.07 43.57
C LYS A 961 14.20 25.91 43.71
N ALA A 962 15.41 26.11 43.22
CA ALA A 962 16.41 25.05 43.15
C ALA A 962 16.71 24.41 44.50
N LEU A 963 16.95 23.10 44.48
CA LEU A 963 17.24 22.34 45.69
C LEU A 963 18.72 22.02 45.79
N ASP A 964 19.18 21.71 47.00
CA ASP A 964 20.57 21.33 47.21
C ASP A 964 20.68 19.82 47.36
N LEU A 965 21.88 19.33 47.70
CA LEU A 965 22.12 17.91 47.86
C LEU A 965 21.35 17.33 49.05
N THR A 966 21.03 18.19 50.00
CA THR A 966 20.27 17.79 51.19
C THR A 966 18.86 17.36 50.82
N GLN A 967 18.30 18.04 49.81
CA GLN A 967 16.92 17.79 49.40
C GLN A 967 16.83 16.80 48.24
N TRP A 968 17.90 16.70 47.46
CA TRP A 968 17.92 15.79 46.31
C TRP A 968 18.03 14.33 46.74
N LEU A 969 18.59 14.10 47.92
CA LEU A 969 18.71 12.75 48.45
C LEU A 969 17.34 12.14 48.71
N MET A 970 16.44 12.96 49.25
CA MET A 970 15.08 12.51 49.56
C MET A 970 14.28 12.28 48.29
N VAL A 971 14.63 12.99 47.23
CA VAL A 971 13.96 12.84 45.95
C VAL A 971 14.19 11.44 45.39
N LEU A 972 15.42 10.96 45.50
CA LEU A 972 15.79 9.63 44.99
C LEU A 972 15.24 8.52 45.89
N LYS A 973 15.09 8.81 47.17
CA LYS A 973 14.62 7.82 48.12
C LYS A 973 13.14 7.49 47.92
N ILE A 974 12.41 8.40 47.29
CA ILE A 974 10.98 8.22 47.07
C ILE A 974 10.69 7.89 45.59
N SER A 975 11.62 8.25 44.72
CA SER A 975 11.46 8.01 43.29
C SER A 975 11.89 6.61 42.89
N LEU A 976 13.13 6.27 43.23
CA LEU A 976 13.72 4.97 42.87
C LEU A 976 12.92 3.71 43.24
N PRO A 977 12.19 3.72 44.38
CA PRO A 977 11.37 2.53 44.65
C PRO A 977 10.29 2.20 43.61
N VAL A 978 10.10 3.06 42.60
CA VAL A 978 9.13 2.77 41.55
C VAL A 978 9.65 1.67 40.64
N ILE A 979 10.98 1.53 40.59
CA ILE A 979 11.62 0.51 39.78
C ILE A 979 11.37 -0.88 40.37
N GLY A 980 11.56 -0.98 41.68
CA GLY A 980 11.34 -2.24 42.38
C GLY A 980 9.89 -2.69 42.33
N LEU A 981 8.96 -1.75 42.51
CA LEU A 981 7.54 -2.05 42.49
C LEU A 981 7.11 -2.57 41.12
N ASP A 982 7.56 -1.90 40.06
CA ASP A 982 7.21 -2.31 38.71
C ASP A 982 7.89 -3.63 38.35
N GLU A 983 9.06 -3.86 38.93
CA GLU A 983 9.81 -5.09 38.70
C GLU A 983 9.05 -6.27 39.30
N ILE A 984 8.37 -6.02 40.42
CA ILE A 984 7.54 -7.04 41.04
C ILE A 984 6.36 -7.39 40.13
N LEU A 985 5.73 -6.36 39.58
CA LEU A 985 4.60 -6.54 38.67
C LEU A 985 4.99 -7.35 37.44
N LYS A 986 6.18 -7.09 36.92
CA LYS A 986 6.69 -7.84 35.77
C LYS A 986 6.85 -9.32 36.11
N PHE A 987 7.36 -9.59 37.30
CA PHE A 987 7.60 -10.97 37.73
C PHE A 987 6.29 -11.71 37.97
N ILE A 988 5.27 -10.99 38.42
CA ILE A 988 3.95 -11.56 38.61
C ILE A 988 3.34 -11.93 37.26
N ALA A 989 3.55 -11.08 36.27
CA ALA A 989 2.99 -11.27 34.94
C ALA A 989 3.63 -12.47 34.22
N ARG A 990 4.89 -12.75 34.53
CA ARG A 990 5.61 -13.83 33.86
C ARG A 990 5.53 -15.15 34.61
N ASN A 991 4.94 -15.12 35.81
CA ASN A 991 4.85 -16.32 36.63
C ASN A 991 3.42 -16.80 36.84
N TYR A 992 2.52 -15.89 37.19
CA TYR A 992 1.14 -16.26 37.50
C TYR A 992 0.14 -15.67 36.51
N LEU A 993 0.58 -15.46 35.27
CA LEU A 993 -0.30 -14.96 34.22
C LEU A 993 0.01 -15.63 32.87
N GLU A 994 1.30 -15.77 32.57
CA GLU A 994 1.73 -16.42 31.33
C GLU A 994 1.51 -17.93 31.42
N GLY A 995 0.87 -18.49 30.39
CA GLY A 995 0.60 -19.91 30.35
C GLY A 995 -0.12 -20.33 29.07
#